data_5A3V
#
_entry.id   5A3V
#
_cell.length_a   44.720
_cell.length_b   142.650
_cell.length_c   209.890
_cell.angle_alpha   90.00
_cell.angle_beta   90.00
_cell.angle_gamma   90.00
#
_symmetry.space_group_name_H-M   'C 2 2 21'
#
loop_
_entity.id
_entity.type
_entity.pdbx_description
1 polymer 'PUTATIVE QUINONE-OXIDOREDUCTASE HOMOLOG, CHLOROPLASTIC'
2 water water
#
_entity_poly.entity_id   1
_entity_poly.type   'polypeptide(L)'
_entity_poly.pdbx_seq_one_letter_code
;MAGKLMHALQYNSYGGGAAGLEHVQVPVPTPKSNEVCLKLEATSLNPVDWKIQKGMIRPFLPRKFPCIPATDVAGEVVEV
GSGVKNFKAGDKVVAVLSHLGGGGLAEFAVATEKLTVKRPQEVGAAEAAALPVAGLTALQALTNPAGLKLDGTGKKANIL
VTAASGGVGHYAVQLAKLANAHVTATCGARNIEFVKSLGADEVLDYKTPEGAALKSPSGKKYDAVVHCANGIPFSVFEPN
LSENGKVIDITPGPNAMWTYAVKKITMSKKQLVPLLLIPKAENLEFMVNLVKEGKVKTVIDSKHPLSKAEDAWAKSIDGH
ATGKIIVEP
;
_entity_poly.pdbx_strand_id   A,B
#
# COMPACT_ATOMS: atom_id res chain seq x y z
N LYS A 4 18.92 -24.09 31.69
CA LYS A 4 17.56 -24.32 32.13
C LYS A 4 16.60 -24.45 30.94
N LEU A 5 15.57 -25.28 31.10
CA LEU A 5 14.56 -25.45 30.04
C LEU A 5 13.23 -24.79 30.43
N MET A 6 12.37 -24.55 29.44
CA MET A 6 11.06 -23.98 29.70
C MET A 6 10.00 -24.72 28.91
N HIS A 7 8.74 -24.73 29.37
CA HIS A 7 7.63 -25.28 28.57
C HIS A 7 7.29 -24.32 27.47
N ALA A 8 6.88 -24.87 26.34
CA ALA A 8 6.36 -24.08 25.22
C ALA A 8 5.49 -24.96 24.34
N LEU A 9 4.76 -24.33 23.42
CA LEU A 9 4.05 -25.05 22.37
C LEU A 9 4.59 -24.64 21.03
N GLN A 10 4.66 -25.58 20.10
CA GLN A 10 5.16 -25.24 18.79
C GLN A 10 4.42 -26.04 17.72
N TYR A 11 4.53 -25.61 16.46
CA TYR A 11 4.11 -26.47 15.36
C TYR A 11 5.25 -26.62 14.37
N ASN A 12 5.26 -27.74 13.65
CA ASN A 12 6.44 -28.12 12.91
C ASN A 12 6.31 -28.07 11.39
N SER A 13 5.13 -27.68 10.91
CA SER A 13 4.88 -27.60 9.46
C SER A 13 3.60 -26.83 9.25
N TYR A 14 3.24 -26.58 7.99
CA TYR A 14 2.00 -25.88 7.74
C TYR A 14 0.80 -26.81 7.88
N GLY A 15 -0.32 -26.25 8.30
CA GLY A 15 -1.63 -26.86 8.11
C GLY A 15 -2.11 -27.83 9.17
N GLY A 16 -1.39 -27.91 10.28
CA GLY A 16 -1.72 -28.93 11.27
C GLY A 16 -2.86 -28.56 12.19
N GLY A 17 -3.24 -27.29 12.25
CA GLY A 17 -4.27 -26.80 13.18
C GLY A 17 -3.91 -27.03 14.64
N ALA A 18 -4.92 -27.09 15.50
CA ALA A 18 -4.66 -27.34 16.94
C ALA A 18 -3.98 -28.70 17.19
N ALA A 19 -4.36 -29.73 16.43
CA ALA A 19 -3.73 -31.05 16.58
C ALA A 19 -2.22 -31.03 16.33
N GLY A 20 -1.76 -30.10 15.49
CA GLY A 20 -0.36 -29.99 15.15
C GLY A 20 0.38 -29.13 16.15
N LEU A 21 -0.34 -28.63 17.14
CA LEU A 21 0.29 -27.86 18.20
C LEU A 21 0.83 -28.82 19.23
N GLU A 22 2.12 -28.71 19.54
CA GLU A 22 2.79 -29.72 20.34
C GLU A 22 3.50 -29.17 21.56
N HIS A 23 3.31 -29.80 22.72
CA HIS A 23 4.01 -29.40 23.94
C HIS A 23 5.49 -29.77 23.95
N VAL A 24 6.35 -28.82 24.30
CA VAL A 24 7.77 -29.08 24.28
C VAL A 24 8.51 -28.42 25.42
N GLN A 25 9.79 -28.77 25.56
CA GLN A 25 10.70 -28.08 26.49
C GLN A 25 11.92 -27.57 25.75
N VAL A 26 12.11 -26.26 25.79
CA VAL A 26 13.20 -25.66 25.02
C VAL A 26 14.03 -24.77 25.91
N PRO A 27 15.22 -24.40 25.44
CA PRO A 27 16.01 -23.49 26.26
C PRO A 27 15.32 -22.14 26.47
N VAL A 28 15.53 -21.60 27.66
CA VAL A 28 15.12 -20.24 27.96
C VAL A 28 16.01 -19.34 27.11
N PRO A 29 15.42 -18.32 26.43
CA PRO A 29 16.18 -17.41 25.57
C PRO A 29 17.10 -16.48 26.34
N THR A 30 18.20 -16.11 25.71
CA THR A 30 19.12 -15.11 26.22
C THR A 30 18.86 -13.83 25.47
N PRO A 31 18.67 -12.71 26.19
CA PRO A 31 18.36 -11.50 25.44
C PRO A 31 19.59 -10.97 24.72
N LYS A 32 19.41 -10.50 23.49
CA LYS A 32 20.45 -9.70 22.83
C LYS A 32 20.58 -8.33 23.52
N SER A 33 21.54 -7.52 23.09
CA SER A 33 21.87 -6.27 23.76
C SER A 33 20.69 -5.29 23.84
N ASN A 34 19.81 -5.30 22.84
CA ASN A 34 18.65 -4.42 22.81
C ASN A 34 17.35 -5.07 23.29
N GLU A 35 17.46 -6.22 23.95
CA GLU A 35 16.30 -7.00 24.33
C GLU A 35 16.12 -7.16 25.84
N VAL A 36 14.88 -7.41 26.25
CA VAL A 36 14.61 -7.86 27.62
C VAL A 36 14.06 -9.27 27.57
N CYS A 37 14.41 -10.06 28.58
CA CYS A 37 13.84 -11.37 28.72
C CYS A 37 12.70 -11.30 29.70
N LEU A 38 11.54 -11.81 29.32
CA LEU A 38 10.35 -11.71 30.17
C LEU A 38 9.91 -13.07 30.72
N LYS A 39 9.64 -13.12 32.01
CA LYS A 39 8.85 -14.23 32.51
C LYS A 39 7.41 -13.87 32.19
N LEU A 40 6.78 -14.64 31.31
CA LEU A 40 5.44 -14.29 30.89
C LEU A 40 4.39 -14.52 31.97
N GLU A 41 3.37 -13.67 31.96
CA GLU A 41 2.26 -13.77 32.90
C GLU A 41 0.98 -13.96 32.08
N ALA A 42 0.98 -13.39 30.88
CA ALA A 42 -0.11 -13.64 29.96
C ALA A 42 0.30 -13.38 28.51
N THR A 43 -0.38 -14.10 27.61
CA THR A 43 -0.19 -14.05 26.18
C THR A 43 -1.56 -14.05 25.53
N SER A 44 -1.80 -13.18 24.56
CA SER A 44 -3.09 -13.29 23.84
C SER A 44 -2.85 -13.81 22.45
N LEU A 45 -3.87 -14.47 21.90
CA LEU A 45 -3.81 -14.97 20.55
C LEU A 45 -4.41 -13.94 19.57
N ASN A 46 -3.97 -13.97 18.31
CA ASN A 46 -4.59 -13.19 17.23
C ASN A 46 -4.83 -14.10 16.05
N PRO A 47 -5.87 -13.81 15.25
CA PRO A 47 -6.17 -14.67 14.08
C PRO A 47 -4.95 -14.90 13.18
N VAL A 48 -4.10 -13.89 13.04
CA VAL A 48 -2.94 -14.03 12.14
C VAL A 48 -2.02 -15.15 12.62
N ASP A 49 -2.07 -15.46 13.91
CA ASP A 49 -1.28 -16.55 14.46
C ASP A 49 -1.62 -17.91 13.85
N TRP A 50 -2.90 -18.27 13.78
CA TRP A 50 -3.24 -19.55 13.16
C TRP A 50 -3.28 -19.44 11.64
N LYS A 51 -3.46 -18.24 11.11
CA LYS A 51 -3.40 -18.09 9.66
C LYS A 51 -2.01 -18.39 9.16
N ILE A 52 -1.00 -17.95 9.91
CA ILE A 52 0.37 -18.23 9.54
C ILE A 52 0.61 -19.74 9.51
N GLN A 53 0.09 -20.42 10.52
CA GLN A 53 0.22 -21.87 10.62
C GLN A 53 -0.44 -22.54 9.43
N LYS A 54 -1.57 -21.97 9.03
CA LYS A 54 -2.34 -22.51 7.93
C LYS A 54 -1.60 -22.32 6.60
N GLY A 55 -0.67 -21.36 6.56
CA GLY A 55 0.11 -21.12 5.37
C GLY A 55 -0.22 -19.84 4.61
N MET A 56 -1.09 -19.00 5.18
CA MET A 56 -1.53 -17.85 4.42
CA MET A 56 -1.55 -17.73 4.60
C MET A 56 -0.41 -16.81 4.20
N ILE A 57 0.73 -16.96 4.85
CA ILE A 57 1.84 -16.06 4.54
C ILE A 57 3.11 -16.84 4.19
N ARG A 58 2.94 -17.99 3.56
N ARG A 58 2.92 -17.98 3.52
CA ARG A 58 4.09 -18.78 3.16
CA ARG A 58 4.03 -18.79 3.09
C ARG A 58 4.68 -18.20 1.88
C ARG A 58 4.68 -18.16 1.85
N PRO A 59 5.98 -18.40 1.65
CA PRO A 59 6.95 -19.11 2.51
C PRO A 59 7.62 -18.18 3.55
N PHE A 60 7.21 -16.93 3.60
CA PHE A 60 7.89 -15.91 4.43
C PHE A 60 7.79 -16.20 5.90
N LEU A 61 6.61 -16.62 6.34
CA LEU A 61 6.42 -16.94 7.74
C LEU A 61 5.86 -18.35 7.87
N PRO A 62 6.29 -19.09 8.90
CA PRO A 62 7.36 -18.65 9.81
C PRO A 62 8.73 -18.74 9.14
N ARG A 63 9.70 -18.04 9.72
CA ARG A 63 11.08 -18.06 9.23
C ARG A 63 11.69 -19.44 9.34
N LYS A 64 11.32 -20.16 10.40
CA LYS A 64 11.85 -21.50 10.59
C LYS A 64 10.81 -22.37 11.27
N PHE A 65 10.85 -23.65 10.94
CA PHE A 65 10.16 -24.63 11.74
C PHE A 65 11.23 -25.28 12.61
N PRO A 66 10.86 -25.62 13.83
CA PRO A 66 9.51 -25.37 14.34
C PRO A 66 9.28 -23.91 14.80
N CYS A 67 8.02 -23.59 15.02
CA CYS A 67 7.59 -22.24 15.37
C CYS A 67 6.77 -22.22 16.66
N ILE A 68 7.24 -21.48 17.66
CA ILE A 68 6.49 -21.20 18.87
C ILE A 68 5.66 -19.97 18.60
N PRO A 69 4.34 -20.11 18.49
CA PRO A 69 3.59 -18.96 17.97
C PRO A 69 3.18 -17.89 19.02
N ALA A 70 2.53 -16.82 18.53
CA ALA A 70 1.89 -15.74 19.31
C ALA A 70 2.86 -14.63 19.62
N THR A 71 2.38 -13.39 19.59
CA THR A 71 3.27 -12.23 19.77
C THR A 71 2.87 -11.25 20.89
N ASP A 72 1.64 -11.34 21.38
CA ASP A 72 1.16 -10.34 22.36
C ASP A 72 1.28 -10.82 23.78
N VAL A 73 2.16 -10.20 24.54
CA VAL A 73 2.48 -10.73 25.84
C VAL A 73 2.56 -9.66 26.90
N ALA A 74 2.47 -10.13 28.15
CA ALA A 74 2.66 -9.30 29.32
C ALA A 74 3.45 -10.14 30.31
N GLY A 75 4.42 -9.53 30.96
CA GLY A 75 5.12 -10.26 32.00
C GLY A 75 6.05 -9.40 32.81
N GLU A 76 6.99 -10.06 33.47
CA GLU A 76 7.96 -9.37 34.29
C GLU A 76 9.35 -9.54 33.74
N VAL A 77 10.10 -8.46 33.70
CA VAL A 77 11.49 -8.52 33.26
C VAL A 77 12.33 -9.34 34.23
N VAL A 78 13.13 -10.28 33.72
CA VAL A 78 14.04 -11.04 34.59
C VAL A 78 15.52 -10.87 34.19
N GLU A 79 15.77 -10.44 32.97
CA GLU A 79 17.13 -10.23 32.52
C GLU A 79 17.10 -9.21 31.39
N VAL A 80 18.05 -8.25 31.39
CA VAL A 80 18.09 -7.29 30.31
C VAL A 80 19.41 -7.35 29.53
N GLY A 81 19.34 -7.08 28.24
CA GLY A 81 20.54 -7.05 27.42
C GLY A 81 21.43 -5.87 27.77
N SER A 82 22.68 -5.91 27.30
CA SER A 82 23.70 -4.96 27.74
C SER A 82 23.43 -3.53 27.31
N GLY A 83 22.49 -3.33 26.41
CA GLY A 83 22.19 -1.99 25.92
C GLY A 83 20.87 -1.43 26.40
N VAL A 84 20.19 -2.17 27.26
CA VAL A 84 18.89 -1.75 27.76
C VAL A 84 18.99 -0.81 28.96
N LYS A 85 18.34 0.34 28.88
CA LYS A 85 18.37 1.33 29.96
C LYS A 85 17.02 1.54 30.64
N ASN A 86 15.94 1.37 29.89
CA ASN A 86 14.63 1.78 30.38
C ASN A 86 13.97 0.73 31.24
N PHE A 87 14.59 -0.45 31.33
CA PHE A 87 13.97 -1.56 32.06
C PHE A 87 14.99 -2.31 32.89
N LYS A 88 14.52 -2.83 34.02
CA LYS A 88 15.36 -3.56 34.93
C LYS A 88 14.59 -4.77 35.42
N ALA A 89 15.32 -5.72 36.00
CA ALA A 89 14.72 -6.92 36.56
C ALA A 89 13.60 -6.56 37.52
N GLY A 90 12.44 -7.17 37.33
CA GLY A 90 11.31 -6.90 38.21
C GLY A 90 10.25 -5.98 37.63
N ASP A 91 10.58 -5.28 36.54
CA ASP A 91 9.58 -4.40 35.91
C ASP A 91 8.47 -5.23 35.30
N LYS A 92 7.23 -4.79 35.53
CA LYS A 92 6.09 -5.34 34.84
C LYS A 92 5.92 -4.65 33.48
N VAL A 93 5.75 -5.45 32.42
CA VAL A 93 5.63 -4.87 31.10
C VAL A 93 4.59 -5.55 30.21
N VAL A 94 4.29 -4.88 29.12
CA VAL A 94 3.53 -5.47 28.04
C VAL A 94 4.39 -5.29 26.81
N ALA A 95 4.40 -6.26 25.90
CA ALA A 95 5.29 -6.16 24.74
C ALA A 95 4.68 -6.80 23.51
N VAL A 96 5.18 -6.40 22.35
CA VAL A 96 4.94 -7.09 21.10
C VAL A 96 6.17 -7.85 20.73
N LEU A 97 6.07 -9.17 20.60
CA LEU A 97 7.23 -9.95 20.21
C LEU A 97 7.50 -9.73 18.73
N SER A 98 8.78 -9.82 18.39
CA SER A 98 9.31 -9.16 17.20
C SER A 98 9.17 -9.89 15.88
N HIS A 99 9.09 -9.07 14.84
CA HIS A 99 8.98 -9.49 13.45
C HIS A 99 7.89 -10.51 13.22
N LEU A 100 6.90 -10.51 14.12
CA LEU A 100 5.80 -11.46 14.03
C LEU A 100 6.45 -12.83 13.81
N GLY A 101 7.33 -13.21 14.75
CA GLY A 101 8.11 -14.44 14.70
C GLY A 101 7.87 -15.31 15.94
N GLY A 102 6.78 -15.00 16.63
CA GLY A 102 6.29 -15.78 17.75
C GLY A 102 7.08 -15.72 19.06
N GLY A 103 6.95 -16.77 19.84
CA GLY A 103 7.64 -16.84 21.12
C GLY A 103 6.68 -16.73 22.29
N GLY A 104 5.42 -16.38 22.03
CA GLY A 104 4.46 -16.10 23.09
C GLY A 104 3.87 -17.28 23.85
N LEU A 105 3.79 -18.45 23.23
CA LEU A 105 3.31 -19.63 23.95
C LEU A 105 4.50 -20.34 24.59
N ALA A 106 5.03 -19.71 25.62
CA ALA A 106 6.19 -20.20 26.34
C ALA A 106 6.19 -19.55 27.71
N GLU A 107 7.04 -20.03 28.60
CA GLU A 107 7.14 -19.43 29.93
C GLU A 107 7.98 -18.14 29.90
N PHE A 108 8.92 -18.05 28.95
CA PHE A 108 9.78 -16.89 28.79
C PHE A 108 9.89 -16.47 27.32
N ALA A 109 10.05 -15.17 27.09
CA ALA A 109 10.23 -14.65 25.76
C ALA A 109 11.13 -13.42 25.82
N VAL A 110 11.81 -13.14 24.71
CA VAL A 110 12.56 -11.91 24.60
C VAL A 110 11.80 -10.92 23.75
N ALA A 111 11.80 -9.68 24.18
CA ALA A 111 11.22 -8.60 23.43
C ALA A 111 12.26 -7.51 23.22
N THR A 112 12.16 -6.78 22.11
CA THR A 112 13.02 -5.63 21.95
C THR A 112 12.53 -4.49 22.85
N GLU A 113 13.48 -3.72 23.37
CA GLU A 113 13.18 -2.54 24.16
C GLU A 113 12.22 -1.58 23.44
N LYS A 114 12.36 -1.45 22.11
CA LYS A 114 11.49 -0.57 21.33
C LYS A 114 10.01 -0.98 21.37
N LEU A 115 9.74 -2.27 21.60
CA LEU A 115 8.35 -2.75 21.55
C LEU A 115 7.87 -3.23 22.91
N THR A 116 8.50 -2.68 23.94
CA THR A 116 8.16 -3.00 25.32
C THR A 116 7.71 -1.74 26.03
N VAL A 117 6.64 -1.87 26.78
CA VAL A 117 6.07 -0.72 27.40
C VAL A 117 5.75 -1.09 28.84
N LYS A 118 5.94 -0.13 29.73
CA LYS A 118 5.63 -0.36 31.11
C LYS A 118 4.17 -0.69 31.42
N ARG A 119 3.95 -1.70 32.25
CA ARG A 119 2.62 -2.00 32.71
C ARG A 119 2.37 -1.39 34.08
N PRO A 120 1.46 -0.42 34.13
CA PRO A 120 1.11 0.16 35.44
C PRO A 120 0.36 -0.84 36.30
N GLN A 121 0.54 -0.71 37.60
CA GLN A 121 -0.07 -1.58 38.61
C GLN A 121 -1.58 -1.83 38.40
N GLU A 122 -2.30 -0.78 38.03
CA GLU A 122 -3.75 -0.86 37.84
C GLU A 122 -4.18 -1.72 36.66
N VAL A 123 -3.25 -2.09 35.78
CA VAL A 123 -3.63 -2.87 34.62
C VAL A 123 -3.08 -4.28 34.75
N GLY A 124 -3.99 -5.24 34.88
CA GLY A 124 -3.56 -6.62 35.03
C GLY A 124 -2.87 -7.14 33.78
N ALA A 125 -2.24 -8.31 33.92
CA ALA A 125 -1.43 -8.89 32.86
C ALA A 125 -2.28 -9.37 31.67
N ALA A 126 -3.37 -10.08 31.96
CA ALA A 126 -4.25 -10.54 30.90
C ALA A 126 -4.83 -9.35 30.11
N GLU A 127 -5.32 -8.33 30.79
CA GLU A 127 -5.98 -7.23 30.10
CA GLU A 127 -5.98 -7.26 30.05
C GLU A 127 -4.96 -6.42 29.26
N ALA A 128 -3.69 -6.48 29.66
CA ALA A 128 -2.67 -5.77 28.92
C ALA A 128 -2.23 -6.61 27.72
N ALA A 129 -2.03 -7.90 27.93
CA ALA A 129 -1.54 -8.77 26.84
C ALA A 129 -2.51 -8.82 25.69
N ALA A 130 -3.76 -8.48 25.98
CA ALA A 130 -4.80 -8.49 24.98
C ALA A 130 -4.65 -7.33 24.02
N LEU A 131 -3.97 -6.28 24.48
CA LEU A 131 -3.93 -5.01 23.74
C LEU A 131 -3.16 -4.92 22.41
N PRO A 132 -1.89 -5.40 22.35
CA PRO A 132 -1.01 -4.88 21.28
C PRO A 132 -1.54 -5.03 19.87
N VAL A 133 -1.59 -6.23 19.30
CA VAL A 133 -1.97 -6.35 17.89
C VAL A 133 -3.40 -5.87 17.65
N ALA A 134 -4.36 -6.38 18.40
CA ALA A 134 -5.77 -6.05 18.16
C ALA A 134 -6.05 -4.56 18.42
N GLY A 135 -5.62 -4.08 19.58
CA GLY A 135 -5.82 -2.69 19.94
C GLY A 135 -5.07 -1.72 19.03
N LEU A 136 -3.79 -1.98 18.73
CA LEU A 136 -3.04 -1.03 17.91
C LEU A 136 -3.53 -1.05 16.47
N THR A 137 -4.08 -2.18 16.05
CA THR A 137 -4.68 -2.26 14.73
C THR A 137 -5.89 -1.34 14.68
N ALA A 138 -6.75 -1.45 15.69
CA ALA A 138 -7.95 -0.61 15.76
C ALA A 138 -7.53 0.84 15.83
N LEU A 139 -6.55 1.11 16.68
CA LEU A 139 -6.06 2.48 16.87
C LEU A 139 -5.54 3.05 15.56
N GLN A 140 -4.72 2.26 14.86
CA GLN A 140 -4.21 2.73 13.58
C GLN A 140 -5.34 2.89 12.50
N ALA A 141 -6.30 1.99 12.45
CA ALA A 141 -7.35 2.12 11.45
C ALA A 141 -8.09 3.45 11.58
N LEU A 142 -8.40 3.80 12.82
CA LEU A 142 -9.22 4.96 13.10
C LEU A 142 -8.46 6.28 13.07
N THR A 143 -7.17 6.26 13.35
CA THR A 143 -6.48 7.54 13.45
C THR A 143 -5.74 7.87 12.17
N ASN A 144 -5.39 6.87 11.37
CA ASN A 144 -4.74 7.20 10.09
C ASN A 144 -5.76 7.20 8.93
N PRO A 145 -6.14 6.03 8.37
CA PRO A 145 -7.04 6.26 7.22
C PRO A 145 -8.41 6.88 7.54
N ALA A 146 -9.01 6.56 8.69
CA ALA A 146 -10.27 7.22 9.05
C ALA A 146 -10.06 8.66 9.52
N GLY A 147 -8.83 9.01 9.89
CA GLY A 147 -8.51 10.38 10.25
C GLY A 147 -9.24 10.97 11.44
N LEU A 148 -9.59 10.13 12.42
CA LEU A 148 -10.36 10.59 13.59
C LEU A 148 -9.41 11.07 14.69
N LYS A 149 -9.88 11.96 15.56
CA LYS A 149 -9.09 12.37 16.72
C LYS A 149 -9.76 11.86 17.98
N LEU A 150 -8.95 11.44 18.93
CA LEU A 150 -9.46 10.83 20.14
C LEU A 150 -9.78 11.77 21.31
N ASP A 151 -9.38 13.04 21.23
CA ASP A 151 -9.92 14.01 22.15
C ASP A 151 -11.26 14.52 21.57
N GLY A 152 -11.50 15.81 21.71
CA GLY A 152 -12.70 16.40 21.15
C GLY A 152 -12.38 17.37 20.05
N THR A 153 -11.20 17.21 19.48
CA THR A 153 -10.84 17.99 18.29
C THR A 153 -11.70 17.44 17.16
N GLY A 154 -11.12 16.63 16.28
CA GLY A 154 -11.86 15.61 15.56
C GLY A 154 -13.08 15.93 14.75
N LYS A 155 -12.98 15.68 13.45
CA LYS A 155 -14.13 15.65 12.56
C LYS A 155 -15.12 14.55 13.00
N LYS A 156 -16.41 14.83 12.76
CA LYS A 156 -17.49 13.88 12.97
C LYS A 156 -17.41 12.80 11.88
N ALA A 157 -17.81 11.58 12.22
CA ALA A 157 -17.83 10.55 11.20
C ALA A 157 -18.85 9.47 11.48
N ASN A 158 -19.35 8.87 10.41
CA ASN A 158 -20.10 7.62 10.49
C ASN A 158 -19.16 6.47 10.25
N ILE A 159 -18.99 5.63 11.28
CA ILE A 159 -18.08 4.52 11.22
C ILE A 159 -18.83 3.19 11.25
N LEU A 160 -18.39 2.23 10.44
CA LEU A 160 -18.93 0.88 10.46
C LEU A 160 -17.85 -0.10 10.91
N VAL A 161 -18.21 -0.95 11.86
CA VAL A 161 -17.30 -1.99 12.32
C VAL A 161 -17.93 -3.35 12.07
N THR A 162 -17.32 -4.12 11.17
CA THR A 162 -17.81 -5.47 10.89
C THR A 162 -17.11 -6.49 11.79
N ALA A 163 -17.86 -7.51 12.21
CA ALA A 163 -17.37 -8.48 13.19
C ALA A 163 -16.90 -7.76 14.44
N ALA A 164 -17.78 -6.96 15.02
CA ALA A 164 -17.41 -6.04 16.06
C ALA A 164 -17.19 -6.72 17.39
N SER A 165 -17.61 -7.99 17.52
CA SER A 165 -17.49 -8.63 18.83
C SER A 165 -16.15 -9.36 18.97
N GLY A 166 -15.36 -9.33 17.91
CA GLY A 166 -14.05 -9.97 17.92
C GLY A 166 -12.99 -9.06 18.52
N GLY A 167 -11.73 -9.48 18.40
CA GLY A 167 -10.61 -8.82 19.07
C GLY A 167 -10.47 -7.38 18.62
N VAL A 168 -10.16 -7.19 17.34
CA VAL A 168 -10.02 -5.86 16.79
C VAL A 168 -11.33 -5.07 16.84
N GLY A 169 -12.42 -5.74 16.47
CA GLY A 169 -13.74 -5.11 16.43
C GLY A 169 -14.18 -4.50 17.76
N HIS A 170 -13.90 -5.18 18.87
CA HIS A 170 -14.41 -4.69 20.13
C HIS A 170 -13.58 -3.50 20.62
N TYR A 171 -12.32 -3.42 20.23
CA TYR A 171 -11.54 -2.23 20.54
C TYR A 171 -11.97 -1.09 19.62
N ALA A 172 -12.14 -1.42 18.32
CA ALA A 172 -12.52 -0.42 17.33
C ALA A 172 -13.80 0.32 17.72
N VAL A 173 -14.79 -0.41 18.21
CA VAL A 173 -16.05 0.20 18.60
C VAL A 173 -15.84 1.20 19.74
N GLN A 174 -15.06 0.77 20.74
CA GLN A 174 -14.79 1.65 21.88
C GLN A 174 -13.96 2.86 21.47
N LEU A 175 -12.94 2.63 20.66
CA LEU A 175 -12.08 3.72 20.22
C LEU A 175 -12.89 4.73 19.40
N ALA A 176 -13.76 4.25 18.52
CA ALA A 176 -14.52 5.13 17.67
C ALA A 176 -15.47 6.00 18.48
N LYS A 177 -16.03 5.48 19.57
CA LYS A 177 -16.90 6.33 20.41
C LYS A 177 -16.10 7.41 21.15
N LEU A 178 -14.85 7.14 21.48
CA LEU A 178 -13.98 8.16 22.07
C LEU A 178 -13.69 9.28 21.07
N ALA A 179 -13.71 8.94 19.78
CA ALA A 179 -13.50 9.94 18.74
C ALA A 179 -14.82 10.59 18.34
N ASN A 180 -15.86 10.29 19.10
CA ASN A 180 -17.18 10.89 18.91
C ASN A 180 -17.84 10.56 17.56
N ALA A 181 -17.41 9.47 16.95
CA ALA A 181 -18.08 8.94 15.78
C ALA A 181 -19.42 8.29 16.11
N HIS A 182 -20.30 8.28 15.12
CA HIS A 182 -21.48 7.45 15.14
C HIS A 182 -21.05 6.06 14.69
N VAL A 183 -21.38 5.05 15.47
CA VAL A 183 -20.90 3.71 15.17
C VAL A 183 -22.01 2.73 14.83
N THR A 184 -21.88 2.12 13.66
CA THR A 184 -22.71 1.00 13.25
C THR A 184 -21.85 -0.26 13.32
N ALA A 185 -22.43 -1.34 13.83
CA ALA A 185 -21.69 -2.58 13.98
C ALA A 185 -22.45 -3.78 13.46
N THR A 186 -21.75 -4.76 12.91
CA THR A 186 -22.35 -6.07 12.65
C THR A 186 -21.74 -7.17 13.51
N CYS A 187 -22.58 -8.16 13.84
CA CYS A 187 -22.19 -9.32 14.62
C CYS A 187 -23.31 -10.33 14.56
N GLY A 188 -23.16 -11.43 15.29
CA GLY A 188 -24.18 -12.47 15.32
C GLY A 188 -25.22 -12.18 16.39
N ALA A 189 -26.36 -12.85 16.29
CA ALA A 189 -27.48 -12.59 17.20
C ALA A 189 -27.05 -12.69 18.65
N ARG A 190 -26.20 -13.66 18.96
CA ARG A 190 -25.73 -13.86 20.34
C ARG A 190 -24.97 -12.67 20.91
N ASN A 191 -24.36 -11.85 20.06
CA ASN A 191 -23.49 -10.81 20.59
C ASN A 191 -24.00 -9.39 20.44
N ILE A 192 -25.23 -9.25 20.00
CA ILE A 192 -25.83 -7.93 19.82
C ILE A 192 -25.82 -7.06 21.09
N GLU A 193 -26.37 -7.58 22.18
CA GLU A 193 -26.36 -6.87 23.46
C GLU A 193 -24.94 -6.51 23.89
N PHE A 194 -23.99 -7.41 23.66
CA PHE A 194 -22.60 -7.15 24.07
C PHE A 194 -22.01 -5.99 23.26
N VAL A 195 -22.27 -5.97 21.97
CA VAL A 195 -21.72 -4.93 21.11
C VAL A 195 -22.34 -3.60 21.47
N LYS A 196 -23.65 -3.63 21.70
CA LYS A 196 -24.36 -2.44 22.14
CA LYS A 196 -24.38 -2.45 22.14
C LYS A 196 -23.72 -1.89 23.41
N SER A 197 -23.31 -2.78 24.30
CA SER A 197 -22.73 -2.39 25.58
C SER A 197 -21.37 -1.77 25.39
N LEU A 198 -20.71 -2.07 24.27
CA LEU A 198 -19.43 -1.42 23.94
C LEU A 198 -19.63 0.01 23.47
N GLY A 199 -20.88 0.39 23.21
CA GLY A 199 -21.21 1.76 22.86
C GLY A 199 -21.70 1.97 21.44
N ALA A 200 -21.83 0.89 20.67
CA ALA A 200 -22.25 1.02 19.29
C ALA A 200 -23.65 1.60 19.21
N ASP A 201 -23.86 2.53 18.29
CA ASP A 201 -25.16 3.18 18.18
C ASP A 201 -26.18 2.29 17.50
N GLU A 202 -25.75 1.54 16.48
CA GLU A 202 -26.63 0.63 15.73
C GLU A 202 -25.98 -0.73 15.62
N VAL A 203 -26.74 -1.80 15.85
CA VAL A 203 -26.15 -3.12 15.72
C VAL A 203 -26.94 -3.98 14.75
N LEU A 204 -26.26 -4.48 13.71
CA LEU A 204 -26.91 -5.34 12.71
C LEU A 204 -26.51 -6.80 12.87
N ASP A 205 -27.49 -7.70 12.79
CA ASP A 205 -27.27 -9.14 12.77
C ASP A 205 -26.89 -9.52 11.34
N TYR A 206 -25.67 -9.98 11.15
CA TYR A 206 -25.18 -10.16 9.79
C TYR A 206 -25.83 -11.36 9.09
N LYS A 207 -26.74 -12.05 9.79
CA LYS A 207 -27.51 -13.15 9.21
C LYS A 207 -28.82 -12.67 8.58
N THR A 208 -29.21 -11.44 8.85
CA THR A 208 -30.44 -10.86 8.28
C THR A 208 -30.08 -10.10 7.01
N PRO A 209 -31.05 -9.98 6.09
CA PRO A 209 -30.81 -9.31 4.82
C PRO A 209 -30.24 -7.90 4.99
N GLU A 210 -30.73 -7.17 5.97
CA GLU A 210 -30.18 -5.85 6.29
C GLU A 210 -28.72 -5.93 6.73
N GLY A 211 -28.42 -6.91 7.58
CA GLY A 211 -27.07 -7.09 8.07
C GLY A 211 -26.12 -7.50 6.95
N ALA A 212 -26.55 -8.44 6.12
CA ALA A 212 -25.76 -8.84 4.97
C ALA A 212 -25.54 -7.66 4.04
N ALA A 213 -26.55 -6.80 3.93
CA ALA A 213 -26.43 -5.61 3.08
C ALA A 213 -25.65 -4.47 3.74
N LEU A 214 -25.36 -4.60 5.02
CA LEU A 214 -24.64 -3.56 5.80
C LEU A 214 -25.40 -2.24 5.79
N LYS A 215 -26.72 -2.35 5.74
CA LYS A 215 -27.63 -1.22 5.64
C LYS A 215 -27.87 -0.58 7.00
N SER A 216 -27.36 0.64 7.19
CA SER A 216 -27.67 1.42 8.39
C SER A 216 -29.18 1.60 8.51
N PRO A 217 -29.73 1.29 9.70
CA PRO A 217 -31.15 1.51 10.00
C PRO A 217 -31.57 2.95 9.90
N SER A 218 -30.70 3.89 10.28
CA SER A 218 -31.06 5.29 10.19
C SER A 218 -30.58 5.87 8.86
N GLY A 219 -30.20 5.00 7.93
CA GLY A 219 -29.76 5.46 6.60
C GLY A 219 -28.44 6.23 6.53
N LYS A 220 -27.55 5.99 7.48
CA LYS A 220 -26.22 6.60 7.46
C LYS A 220 -25.39 6.05 6.30
N LYS A 221 -24.54 6.89 5.73
CA LYS A 221 -23.47 6.40 4.86
C LYS A 221 -22.21 6.40 5.70
N TYR A 222 -21.35 5.41 5.51
CA TYR A 222 -20.15 5.32 6.29
C TYR A 222 -18.99 6.03 5.64
N ASP A 223 -18.32 6.87 6.42
CA ASP A 223 -17.11 7.54 5.97
C ASP A 223 -15.92 6.55 6.00
N ALA A 224 -15.97 5.62 6.93
CA ALA A 224 -14.94 4.60 6.99
C ALA A 224 -15.51 3.32 7.57
N VAL A 225 -14.94 2.19 7.14
CA VAL A 225 -15.32 0.90 7.65
C VAL A 225 -14.10 0.19 8.23
N VAL A 226 -14.14 -0.17 9.51
CA VAL A 226 -13.13 -1.04 10.06
C VAL A 226 -13.61 -2.45 9.77
N HIS A 227 -13.08 -3.05 8.71
CA HIS A 227 -13.58 -4.30 8.21
C HIS A 227 -12.82 -5.51 8.80
N CYS A 228 -13.29 -6.03 9.92
CA CYS A 228 -12.64 -7.18 10.55
C CYS A 228 -13.21 -8.50 10.07
N ALA A 229 -14.32 -8.47 9.35
CA ALA A 229 -14.96 -9.68 8.87
C ALA A 229 -14.38 -10.12 7.54
N ASN A 230 -14.87 -11.24 7.02
CA ASN A 230 -14.39 -11.80 5.74
C ASN A 230 -15.51 -12.06 4.75
N GLY A 231 -15.15 -12.23 3.49
CA GLY A 231 -16.07 -12.69 2.48
C GLY A 231 -17.10 -11.67 2.02
N ILE A 232 -16.70 -10.40 1.97
CA ILE A 232 -17.60 -9.37 1.51
C ILE A 232 -16.98 -8.57 0.38
N PRO A 233 -17.55 -8.70 -0.82
CA PRO A 233 -16.99 -7.99 -1.97
C PRO A 233 -17.17 -6.49 -1.82
N PHE A 234 -16.31 -5.71 -2.49
CA PHE A 234 -16.38 -4.26 -2.38
C PHE A 234 -17.73 -3.75 -2.81
N SER A 235 -18.32 -4.40 -3.81
CA SER A 235 -19.65 -4.07 -4.30
C SER A 235 -20.71 -3.99 -3.19
N VAL A 236 -20.60 -4.83 -2.17
CA VAL A 236 -21.55 -4.77 -1.03
C VAL A 236 -21.36 -3.49 -0.22
N PHE A 237 -20.11 -3.12 0.05
CA PHE A 237 -19.82 -1.88 0.76
C PHE A 237 -20.22 -0.60 0.00
N GLU A 238 -19.95 -0.60 -1.29
CA GLU A 238 -19.97 0.59 -2.10
C GLU A 238 -21.22 1.49 -1.94
N PRO A 239 -22.43 0.92 -2.07
CA PRO A 239 -23.55 1.87 -1.95
C PRO A 239 -23.78 2.38 -0.52
N ASN A 240 -23.14 1.77 0.48
CA ASN A 240 -23.25 2.22 1.88
C ASN A 240 -22.19 3.24 2.25
N LEU A 241 -21.28 3.54 1.34
CA LEU A 241 -20.17 4.45 1.62
C LEU A 241 -20.53 5.88 1.28
N SER A 242 -19.97 6.83 2.00
CA SER A 242 -20.12 8.22 1.61
C SER A 242 -19.26 8.49 0.37
N GLU A 243 -19.39 9.68 -0.21
CA GLU A 243 -18.75 10.02 -1.48
C GLU A 243 -17.28 9.57 -1.57
N ASN A 244 -16.50 9.82 -0.51
CA ASN A 244 -15.10 9.43 -0.48
C ASN A 244 -14.81 8.39 0.59
N GLY A 245 -15.80 7.57 0.90
CA GLY A 245 -15.68 6.58 1.93
C GLY A 245 -14.57 5.56 1.69
N LYS A 246 -14.08 4.96 2.78
CA LYS A 246 -13.00 3.98 2.71
C LYS A 246 -13.34 2.68 3.42
N VAL A 247 -12.95 1.58 2.81
CA VAL A 247 -13.08 0.32 3.48
C VAL A 247 -11.70 -0.05 3.97
N ILE A 248 -11.52 -0.11 5.28
CA ILE A 248 -10.21 -0.43 5.83
C ILE A 248 -10.13 -1.93 6.13
N ASP A 249 -9.38 -2.65 5.30
CA ASP A 249 -9.39 -4.10 5.35
C ASP A 249 -8.39 -4.62 6.38
N ILE A 250 -8.91 -5.23 7.45
CA ILE A 250 -8.06 -5.77 8.51
C ILE A 250 -7.50 -7.13 8.12
N THR A 251 -6.21 -7.33 8.38
CA THR A 251 -5.51 -8.55 7.97
C THR A 251 -5.73 -8.88 6.50
N PRO A 252 -5.24 -8.00 5.61
CA PRO A 252 -5.46 -8.24 4.16
C PRO A 252 -4.62 -9.41 3.62
N GLY A 253 -5.11 -10.08 2.58
CA GLY A 253 -4.34 -11.10 1.91
C GLY A 253 -3.75 -10.56 0.61
N PRO A 254 -3.18 -11.45 -0.21
CA PRO A 254 -2.64 -11.09 -1.52
C PRO A 254 -3.68 -10.40 -2.39
N ASN A 255 -4.91 -10.89 -2.39
CA ASN A 255 -5.95 -10.32 -3.25
C ASN A 255 -6.34 -8.90 -2.83
N ALA A 256 -6.47 -8.66 -1.52
CA ALA A 256 -6.79 -7.32 -1.06
C ALA A 256 -5.68 -6.35 -1.44
N MET A 257 -4.43 -6.80 -1.35
CA MET A 257 -3.31 -5.92 -1.67
C MET A 257 -3.31 -5.52 -3.14
N TRP A 258 -3.72 -6.43 -4.02
CA TRP A 258 -3.74 -6.10 -5.45
C TRP A 258 -4.97 -5.27 -5.78
N THR A 259 -6.11 -5.59 -5.19
CA THR A 259 -7.34 -4.84 -5.44
C THR A 259 -7.14 -3.40 -5.00
N TYR A 260 -6.46 -3.23 -3.88
CA TYR A 260 -6.03 -1.92 -3.42
C TYR A 260 -5.21 -1.17 -4.47
N ALA A 261 -4.21 -1.83 -5.03
CA ALA A 261 -3.37 -1.21 -6.03
C ALA A 261 -4.18 -0.70 -7.21
N VAL A 262 -5.10 -1.51 -7.72
CA VAL A 262 -5.69 -1.13 -8.99
C VAL A 262 -6.73 -0.03 -8.73
N LYS A 263 -7.42 -0.10 -7.60
CA LYS A 263 -8.38 0.95 -7.26
C LYS A 263 -7.70 2.31 -7.09
N LYS A 264 -6.60 2.32 -6.36
CA LYS A 264 -5.82 3.53 -6.22
C LYS A 264 -5.34 3.99 -7.60
N ILE A 265 -4.88 3.03 -8.41
CA ILE A 265 -4.45 3.31 -9.79
CA ILE A 265 -4.44 3.33 -9.76
C ILE A 265 -5.54 4.00 -10.60
N THR A 266 -6.74 3.41 -10.61
CA THR A 266 -7.84 3.90 -11.44
C THR A 266 -8.50 5.11 -10.82
N MET A 267 -8.06 5.49 -9.62
CA MET A 267 -8.53 6.69 -8.95
C MET A 267 -10.01 6.63 -8.58
N SER A 268 -10.47 5.55 -7.97
CA SER A 268 -11.86 5.58 -7.50
C SER A 268 -11.94 6.44 -6.23
N LYS A 269 -13.03 7.18 -6.08
CA LYS A 269 -13.21 8.03 -4.91
C LYS A 269 -13.45 7.17 -3.68
N LYS A 270 -14.28 6.15 -3.80
CA LYS A 270 -14.44 5.19 -2.71
C LYS A 270 -13.24 4.21 -2.77
N GLN A 271 -12.53 4.08 -1.67
CA GLN A 271 -11.23 3.42 -1.67
CA GLN A 271 -11.25 3.37 -1.71
C GLN A 271 -11.22 2.18 -0.78
N LEU A 272 -10.39 1.20 -1.13
CA LEU A 272 -10.15 0.05 -0.25
C LEU A 272 -8.75 0.22 0.31
N VAL A 273 -8.62 0.25 1.64
CA VAL A 273 -7.35 0.50 2.28
C VAL A 273 -6.94 -0.68 3.14
N PRO A 274 -5.84 -1.32 2.77
CA PRO A 274 -5.38 -2.40 3.63
C PRO A 274 -4.72 -1.82 4.87
N LEU A 275 -4.95 -2.41 6.02
CA LEU A 275 -4.28 -1.96 7.22
C LEU A 275 -3.05 -2.82 7.51
N LEU A 276 -1.87 -2.27 7.26
CA LEU A 276 -0.59 -2.91 7.62
C LEU A 276 -0.10 -2.30 8.92
N LEU A 277 -0.24 -3.08 10.00
CA LEU A 277 0.09 -2.58 11.32
C LEU A 277 1.57 -2.27 11.49
N ILE A 278 1.85 -1.05 11.96
CA ILE A 278 3.18 -0.65 12.40
C ILE A 278 3.11 -0.38 13.89
N PRO A 279 3.49 -1.39 14.70
CA PRO A 279 3.39 -1.18 16.14
C PRO A 279 4.48 -0.23 16.62
N LYS A 280 4.11 0.70 17.51
CA LYS A 280 5.00 1.67 18.10
C LYS A 280 4.76 1.75 19.60
N ALA A 281 5.85 1.90 20.36
CA ALA A 281 5.77 2.01 21.82
C ALA A 281 4.81 3.09 22.30
N GLU A 282 4.85 4.26 21.66
CA GLU A 282 4.02 5.40 22.03
C GLU A 282 2.56 5.07 21.94
N ASN A 283 2.20 4.31 20.92
CA ASN A 283 0.80 3.99 20.72
C ASN A 283 0.35 2.96 21.72
N LEU A 284 1.24 2.05 22.09
CA LEU A 284 0.90 1.00 23.04
C LEU A 284 0.71 1.62 24.42
N GLU A 285 1.66 2.47 24.80
CA GLU A 285 1.59 3.31 26.00
C GLU A 285 0.26 4.01 26.09
N PHE A 286 -0.12 4.61 24.97
CA PHE A 286 -1.36 5.38 24.86
C PHE A 286 -2.55 4.46 25.16
N MET A 287 -2.52 3.26 24.58
CA MET A 287 -3.61 2.32 24.75
C MET A 287 -3.65 1.79 26.18
N VAL A 288 -2.48 1.44 26.69
CA VAL A 288 -2.36 0.98 28.05
C VAL A 288 -2.94 2.05 28.99
N ASN A 289 -2.65 3.32 28.72
CA ASN A 289 -3.16 4.35 29.60
C ASN A 289 -4.71 4.49 29.50
N LEU A 290 -5.27 4.34 28.29
CA LEU A 290 -6.73 4.34 28.14
C LEU A 290 -7.37 3.24 28.96
N VAL A 291 -6.74 2.07 28.96
CA VAL A 291 -7.22 0.97 29.78
C VAL A 291 -7.08 1.31 31.27
N LYS A 292 -5.98 1.95 31.66
CA LYS A 292 -5.80 2.33 33.06
C LYS A 292 -6.87 3.32 33.52
N GLU A 293 -7.28 4.20 32.62
CA GLU A 293 -8.29 5.19 32.96
C GLU A 293 -9.69 4.64 32.80
N GLY A 294 -9.80 3.40 32.33
CA GLY A 294 -11.11 2.80 32.09
C GLY A 294 -11.89 3.36 30.91
N LYS A 295 -11.22 4.14 30.07
CA LYS A 295 -11.84 4.70 28.87
CA LYS A 295 -11.81 4.71 28.86
C LYS A 295 -11.96 3.64 27.79
N VAL A 296 -11.04 2.68 27.79
CA VAL A 296 -11.19 1.49 26.96
C VAL A 296 -11.17 0.24 27.85
N LYS A 297 -12.11 -0.65 27.58
CA LYS A 297 -12.25 -1.89 28.35
CA LYS A 297 -12.27 -1.89 28.35
C LYS A 297 -11.69 -3.05 27.54
N THR A 298 -10.84 -3.88 28.15
CA THR A 298 -10.37 -5.10 27.50
C THR A 298 -11.36 -6.19 27.85
N VAL A 299 -11.98 -6.82 26.86
CA VAL A 299 -12.87 -7.94 27.16
C VAL A 299 -12.17 -9.25 26.87
N ILE A 300 -12.14 -10.12 27.88
CA ILE A 300 -11.48 -11.40 27.77
C ILE A 300 -12.50 -12.51 27.50
N ASP A 301 -12.33 -13.17 26.37
CA ASP A 301 -13.20 -14.26 25.98
C ASP A 301 -13.05 -15.46 26.90
N SER A 302 -11.82 -15.87 27.13
CA SER A 302 -11.55 -17.05 27.93
C SER A 302 -10.09 -17.05 28.33
N LYS A 303 -9.78 -17.74 29.42
CA LYS A 303 -8.38 -17.93 29.80
C LYS A 303 -8.04 -19.40 29.82
N HIS A 304 -6.82 -19.72 29.44
CA HIS A 304 -6.37 -21.11 29.41
C HIS A 304 -4.93 -21.19 29.89
N PRO A 305 -4.58 -22.20 30.70
CA PRO A 305 -3.17 -22.42 31.09
C PRO A 305 -2.30 -22.87 29.91
N LEU A 306 -1.00 -22.60 29.98
CA LEU A 306 -0.12 -22.98 28.87
C LEU A 306 -0.22 -24.49 28.61
N SER A 307 -0.40 -25.26 29.68
CA SER A 307 -0.50 -26.72 29.59
C SER A 307 -1.71 -27.19 28.79
N LYS A 308 -2.67 -26.31 28.53
CA LYS A 308 -3.77 -26.62 27.65
C LYS A 308 -3.96 -25.57 26.54
N ALA A 309 -2.87 -24.93 26.13
CA ALA A 309 -3.00 -23.85 25.16
C ALA A 309 -3.58 -24.30 23.80
N GLU A 310 -3.55 -25.58 23.48
CA GLU A 310 -4.18 -26.04 22.25
C GLU A 310 -5.68 -25.72 22.27
N ASP A 311 -6.29 -25.70 23.46
CA ASP A 311 -7.70 -25.32 23.61
C ASP A 311 -7.93 -23.89 23.16
N ALA A 312 -7.03 -23.01 23.56
CA ALA A 312 -7.12 -21.61 23.20
C ALA A 312 -6.97 -21.45 21.69
N TRP A 313 -5.98 -22.17 21.16
CA TRP A 313 -5.67 -22.16 19.75
C TRP A 313 -6.93 -22.58 18.97
N ALA A 314 -7.56 -23.67 19.42
CA ALA A 314 -8.75 -24.18 18.76
C ALA A 314 -9.87 -23.14 18.82
N LYS A 315 -9.98 -22.46 19.96
CA LYS A 315 -10.97 -21.42 20.14
C LYS A 315 -10.72 -20.29 19.16
N SER A 316 -9.43 -19.98 18.96
CA SER A 316 -9.08 -18.96 18.00
C SER A 316 -9.50 -19.37 16.58
N ILE A 317 -9.06 -20.55 16.16
CA ILE A 317 -9.35 -21.04 14.81
C ILE A 317 -10.85 -21.06 14.53
N ASP A 318 -11.64 -21.35 15.55
CA ASP A 318 -13.08 -21.50 15.35
C ASP A 318 -13.77 -20.14 15.12
N GLY A 319 -13.17 -19.05 15.56
CA GLY A 319 -13.62 -17.74 15.14
C GLY A 319 -14.73 -17.04 15.91
N HIS A 320 -15.21 -17.64 16.98
CA HIS A 320 -16.37 -17.09 17.69
C HIS A 320 -16.03 -16.45 19.04
N ALA A 321 -14.76 -16.08 19.24
CA ALA A 321 -14.36 -15.37 20.44
C ALA A 321 -15.09 -14.04 20.59
N THR A 322 -15.46 -13.71 21.82
CA THR A 322 -15.94 -12.36 22.16
C THR A 322 -14.82 -11.64 22.88
N GLY A 323 -14.25 -10.62 22.26
CA GLY A 323 -13.04 -10.04 22.81
C GLY A 323 -11.80 -10.91 22.53
N LYS A 324 -10.98 -11.12 23.54
CA LYS A 324 -9.63 -11.64 23.34
C LYS A 324 -9.40 -12.92 24.09
N ILE A 325 -8.67 -13.84 23.46
CA ILE A 325 -8.37 -15.14 24.05
C ILE A 325 -7.01 -15.12 24.75
N ILE A 326 -6.97 -15.62 25.99
CA ILE A 326 -5.76 -15.51 26.81
C ILE A 326 -5.17 -16.88 27.21
N VAL A 327 -3.85 -16.98 27.08
CA VAL A 327 -3.10 -18.11 27.59
C VAL A 327 -2.24 -17.61 28.74
N GLU A 328 -2.25 -18.36 29.83
CA GLU A 328 -1.48 -18.04 31.04
C GLU A 328 -0.50 -19.13 31.42
N PRO A 329 0.80 -18.80 31.51
CA PRO A 329 1.51 -17.53 31.20
C PRO A 329 1.17 -16.84 29.85
N GLY B 3 -23.61 12.52 -36.57
CA GLY B 3 -22.45 12.71 -35.72
C GLY B 3 -21.16 12.56 -36.49
N LYS B 4 -20.20 13.45 -36.26
CA LYS B 4 -18.93 13.35 -36.95
C LYS B 4 -18.12 12.16 -36.39
N LEU B 5 -17.32 11.52 -37.26
CA LEU B 5 -16.48 10.41 -36.84
C LEU B 5 -15.01 10.84 -36.71
N MET B 6 -14.20 10.02 -36.06
CA MET B 6 -12.76 10.29 -35.93
C MET B 6 -12.00 8.98 -36.10
N HIS B 7 -10.74 9.05 -36.54
CA HIS B 7 -9.87 7.89 -36.54
C HIS B 7 -9.45 7.56 -35.12
N ALA B 8 -9.32 6.27 -34.86
CA ALA B 8 -8.74 5.79 -33.61
C ALA B 8 -8.19 4.37 -33.83
N LEU B 9 -7.41 3.89 -32.87
CA LEU B 9 -6.97 2.49 -32.82
C LEU B 9 -7.53 1.85 -31.59
N GLN B 10 -7.95 0.59 -31.71
CA GLN B 10 -8.47 -0.11 -30.55
C GLN B 10 -8.09 -1.58 -30.59
N TYR B 11 -8.16 -2.25 -29.44
CA TYR B 11 -8.06 -3.69 -29.41
C TYR B 11 -9.32 -4.28 -28.82
N ASN B 12 -9.67 -5.50 -29.23
CA ASN B 12 -10.95 -6.08 -28.87
CA ASN B 12 -10.95 -6.06 -28.86
C ASN B 12 -10.91 -7.20 -27.84
N SER B 13 -9.72 -7.56 -27.38
CA SER B 13 -9.59 -8.66 -26.39
C SER B 13 -8.19 -8.67 -25.82
N TYR B 14 -7.94 -9.51 -24.82
CA TYR B 14 -6.61 -9.56 -24.27
C TYR B 14 -5.65 -10.29 -25.20
N GLY B 15 -4.38 -9.91 -25.15
CA GLY B 15 -3.30 -10.74 -25.65
C GLY B 15 -2.94 -10.63 -27.11
N GLY B 16 -3.54 -9.69 -27.83
CA GLY B 16 -3.30 -9.61 -29.25
C GLY B 16 -2.03 -8.89 -29.66
N GLY B 17 -1.39 -8.16 -28.75
CA GLY B 17 -0.20 -7.38 -29.11
C GLY B 17 -0.47 -6.36 -30.23
N ALA B 18 0.57 -5.98 -30.98
CA ALA B 18 0.40 -4.94 -31.99
C ALA B 18 -0.52 -5.39 -33.12
N ALA B 19 -0.47 -6.69 -33.42
CA ALA B 19 -1.33 -7.27 -34.45
C ALA B 19 -2.83 -7.13 -34.10
N GLY B 20 -3.12 -7.06 -32.82
CA GLY B 20 -4.49 -6.98 -32.34
C GLY B 20 -4.96 -5.54 -32.31
N LEU B 21 -4.06 -4.63 -32.65
CA LEU B 21 -4.38 -3.22 -32.69
C LEU B 21 -5.04 -2.96 -34.04
N GLU B 22 -6.21 -2.32 -34.02
CA GLU B 22 -6.99 -2.17 -35.23
CA GLU B 22 -7.01 -2.17 -35.25
C GLU B 22 -7.46 -0.73 -35.50
N HIS B 23 -7.33 -0.29 -36.75
CA HIS B 23 -7.73 1.06 -37.13
C HIS B 23 -9.26 1.18 -37.32
N VAL B 24 -9.85 2.17 -36.66
CA VAL B 24 -11.28 2.31 -36.72
C VAL B 24 -11.72 3.75 -36.84
N GLN B 25 -13.01 3.92 -37.06
CA GLN B 25 -13.65 5.23 -36.99
C GLN B 25 -14.78 5.22 -35.97
N VAL B 26 -14.70 6.13 -35.01
CA VAL B 26 -15.68 6.14 -33.92
C VAL B 26 -16.18 7.54 -33.70
N PRO B 27 -17.30 7.67 -32.98
CA PRO B 27 -17.81 9.02 -32.77
C PRO B 27 -16.82 9.84 -31.97
N VAL B 28 -16.77 11.13 -32.28
CA VAL B 28 -16.06 12.12 -31.48
C VAL B 28 -16.80 12.26 -30.15
N PRO B 29 -16.05 12.23 -29.04
CA PRO B 29 -16.65 12.30 -27.70
C PRO B 29 -17.25 13.67 -27.39
N THR B 30 -18.32 13.64 -26.60
CA THR B 30 -18.93 14.84 -26.07
C THR B 30 -18.47 14.98 -24.63
N PRO B 31 -17.97 16.17 -24.26
CA PRO B 31 -17.47 16.29 -22.89
C PRO B 31 -18.61 16.35 -21.88
N LYS B 32 -18.46 15.65 -20.76
CA LYS B 32 -19.36 15.85 -19.61
C LYS B 32 -19.10 17.23 -18.97
N SER B 33 -19.91 17.61 -17.99
CA SER B 33 -19.88 18.96 -17.42
C SER B 33 -18.52 19.38 -16.86
N ASN B 34 -17.75 18.41 -16.38
CA ASN B 34 -16.43 18.67 -15.78
C ASN B 34 -15.28 18.34 -16.73
N GLU B 35 -15.57 18.23 -18.01
CA GLU B 35 -14.59 17.74 -18.97
C GLU B 35 -14.30 18.75 -20.08
N VAL B 36 -13.13 18.63 -20.69
CA VAL B 36 -12.84 19.34 -21.92
C VAL B 36 -12.63 18.31 -23.04
N CYS B 37 -13.04 18.67 -24.25
CA CYS B 37 -12.74 17.86 -25.40
C CYS B 37 -11.51 18.40 -26.09
N LEU B 38 -10.54 17.52 -26.33
CA LEU B 38 -9.31 17.95 -26.96
C LEU B 38 -9.11 17.44 -28.37
N LYS B 39 -8.76 18.33 -29.29
CA LYS B 39 -8.18 17.88 -30.56
C LYS B 39 -6.73 17.57 -30.26
N LEU B 40 -6.33 16.30 -30.38
CA LEU B 40 -5.01 15.89 -29.93
C LEU B 40 -3.93 16.31 -30.91
N GLU B 41 -2.77 16.66 -30.37
CA GLU B 41 -1.63 17.02 -31.19
C GLU B 41 -0.54 15.97 -30.94
N ALA B 42 -0.51 15.41 -29.72
CA ALA B 42 0.39 14.29 -29.47
C ALA B 42 -0.10 13.45 -28.32
N THR B 43 0.33 12.20 -28.35
CA THR B 43 0.01 11.17 -27.36
C THR B 43 1.28 10.36 -27.09
N SER B 44 1.59 10.08 -25.83
CA SER B 44 2.74 9.23 -25.56
C SER B 44 2.26 7.91 -24.99
N LEU B 45 3.06 6.88 -25.23
CA LEU B 45 2.75 5.52 -24.76
C LEU B 45 3.44 5.31 -23.43
N ASN B 46 2.86 4.44 -22.59
CA ASN B 46 3.53 3.97 -21.39
C ASN B 46 3.45 2.44 -21.35
N PRO B 47 4.46 1.78 -20.73
CA PRO B 47 4.44 0.31 -20.67
C PRO B 47 3.11 -0.23 -20.14
N VAL B 48 2.51 0.45 -19.17
CA VAL B 48 1.27 -0.07 -18.60
C VAL B 48 0.17 -0.18 -19.66
N ASP B 49 0.30 0.59 -20.74
CA ASP B 49 -0.66 0.53 -21.84
C ASP B 49 -0.71 -0.85 -22.53
N TRP B 50 0.45 -1.41 -22.87
CA TRP B 50 0.43 -2.74 -23.48
C TRP B 50 0.32 -3.83 -22.42
N LYS B 51 0.70 -3.53 -21.19
CA LYS B 51 0.56 -4.53 -20.14
C LYS B 51 -0.92 -4.81 -19.90
N ILE B 52 -1.73 -3.76 -19.97
CA ILE B 52 -3.17 -3.90 -19.78
C ILE B 52 -3.74 -4.77 -20.89
N GLN B 53 -3.32 -4.50 -22.12
CA GLN B 53 -3.74 -5.31 -23.26
C GLN B 53 -3.36 -6.77 -23.08
N LYS B 54 -2.17 -6.99 -22.55
CA LYS B 54 -1.67 -8.34 -22.31
C LYS B 54 -2.50 -9.05 -21.24
N GLY B 55 -3.21 -8.26 -20.43
CA GLY B 55 -4.00 -8.84 -19.35
C GLY B 55 -3.44 -8.70 -17.94
N MET B 56 -2.36 -7.95 -17.75
CA MET B 56 -1.73 -7.96 -16.43
CA MET B 56 -1.67 -7.76 -16.45
C MET B 56 -2.61 -7.25 -15.37
N ILE B 57 -3.68 -6.58 -15.78
CA ILE B 57 -4.58 -6.02 -14.79
C ILE B 57 -6.04 -6.50 -15.04
N ARG B 58 -6.19 -7.72 -15.56
CA ARG B 58 -7.52 -8.28 -15.78
C ARG B 58 -8.07 -8.75 -14.44
N PRO B 59 -9.40 -8.71 -14.25
CA PRO B 59 -10.40 -8.29 -15.22
C PRO B 59 -10.77 -6.82 -15.09
N PHE B 60 -10.08 -6.11 -14.22
CA PHE B 60 -10.43 -4.71 -13.91
C PHE B 60 -10.26 -3.77 -15.09
N LEU B 61 -9.20 -3.99 -15.85
CA LEU B 61 -8.93 -3.16 -17.01
C LEU B 61 -8.71 -4.06 -18.22
N PRO B 62 -9.21 -3.62 -19.39
CA PRO B 62 -10.03 -2.43 -19.55
C PRO B 62 -11.46 -2.69 -19.06
N ARG B 63 -12.17 -1.60 -18.78
CA ARG B 63 -13.56 -1.66 -18.32
C ARG B 63 -14.46 -2.24 -19.39
N LYS B 64 -14.12 -1.96 -20.63
CA LYS B 64 -14.87 -2.53 -21.73
C LYS B 64 -14.01 -2.76 -22.95
N PHE B 65 -14.41 -3.76 -23.72
CA PHE B 65 -13.84 -3.96 -25.02
C PHE B 65 -14.92 -3.49 -25.99
N PRO B 66 -14.51 -2.83 -27.05
CA PRO B 66 -13.10 -2.58 -27.34
C PRO B 66 -12.53 -1.39 -26.61
N CYS B 67 -11.21 -1.28 -26.62
CA CYS B 67 -10.48 -0.31 -25.83
C CYS B 67 -9.54 0.50 -26.73
N ILE B 68 -9.72 1.80 -26.71
CA ILE B 68 -8.77 2.73 -27.34
C ILE B 68 -7.72 3.12 -26.33
N PRO B 69 -6.49 2.65 -26.52
CA PRO B 69 -5.55 2.78 -25.40
C PRO B 69 -4.82 4.13 -25.30
N ALA B 70 -3.99 4.26 -24.26
CA ALA B 70 -3.07 5.40 -23.99
C ALA B 70 -3.73 6.56 -23.23
N THR B 71 -3.00 7.16 -22.29
CA THR B 71 -3.58 8.21 -21.44
C THR B 71 -2.87 9.56 -21.46
N ASP B 72 -1.64 9.60 -21.98
CA ASP B 72 -0.85 10.84 -21.91
C ASP B 72 -0.95 11.64 -23.19
N VAL B 73 -1.58 12.80 -23.11
CA VAL B 73 -1.89 13.56 -24.31
C VAL B 73 -1.61 15.03 -24.18
N ALA B 74 -1.51 15.66 -25.34
CA ALA B 74 -1.40 17.10 -25.44
C ALA B 74 -2.24 17.52 -26.62
N GLY B 75 -2.97 18.61 -26.48
CA GLY B 75 -3.73 19.08 -27.62
C GLY B 75 -4.34 20.43 -27.35
N GLU B 76 -5.35 20.76 -28.16
CA GLU B 76 -6.04 22.03 -28.07
C GLU B 76 -7.50 21.81 -27.71
N VAL B 77 -7.99 22.59 -26.76
CA VAL B 77 -9.38 22.51 -26.39
C VAL B 77 -10.27 22.91 -27.55
N VAL B 78 -11.29 22.11 -27.87
CA VAL B 78 -12.29 22.52 -28.88
C VAL B 78 -13.72 22.64 -28.34
N GLU B 79 -14.00 22.00 -27.21
CA GLU B 79 -15.30 22.10 -26.59
C GLU B 79 -15.16 21.91 -25.10
N VAL B 80 -15.84 22.71 -24.29
CA VAL B 80 -15.79 22.50 -22.85
C VAL B 80 -17.16 22.17 -22.26
N GLY B 81 -17.17 21.32 -21.23
CA GLY B 81 -18.41 20.97 -20.54
C GLY B 81 -19.00 22.13 -19.78
N SER B 82 -20.25 22.01 -19.39
CA SER B 82 -20.99 23.16 -18.87
C SER B 82 -20.46 23.68 -17.56
N GLY B 83 -19.58 22.93 -16.89
CA GLY B 83 -19.09 23.32 -15.57
C GLY B 83 -17.64 23.77 -15.60
N VAL B 84 -17.06 23.83 -16.80
CA VAL B 84 -15.64 24.14 -16.92
C VAL B 84 -15.40 25.64 -16.96
N LYS B 85 -14.52 26.12 -16.09
CA LYS B 85 -14.20 27.55 -16.05
C LYS B 85 -12.78 27.89 -16.46
N ASN B 86 -11.84 26.99 -16.21
CA ASN B 86 -10.42 27.32 -16.37
C ASN B 86 -9.91 27.13 -17.81
N PHE B 87 -10.76 26.62 -18.69
CA PHE B 87 -10.35 26.39 -20.07
C PHE B 87 -11.43 26.82 -21.06
N LYS B 88 -10.99 27.23 -22.24
CA LYS B 88 -11.90 27.65 -23.28
C LYS B 88 -11.39 27.12 -24.60
N ALA B 89 -12.24 27.18 -25.60
CA ALA B 89 -11.86 26.74 -26.93
C ALA B 89 -10.58 27.43 -27.42
N GLY B 90 -9.60 26.63 -27.85
CA GLY B 90 -8.35 27.17 -28.36
C GLY B 90 -7.17 27.06 -27.40
N ASP B 91 -7.46 26.69 -26.15
CA ASP B 91 -6.38 26.57 -25.19
C ASP B 91 -5.51 25.38 -25.54
N LYS B 92 -4.21 25.59 -25.52
CA LYS B 92 -3.27 24.47 -25.59
C LYS B 92 -3.07 23.83 -24.21
N VAL B 93 -3.19 22.51 -24.15
CA VAL B 93 -3.10 21.84 -22.86
C VAL B 93 -2.37 20.52 -22.92
N VAL B 94 -2.02 20.02 -21.74
CA VAL B 94 -1.50 18.67 -21.58
C VAL B 94 -2.41 18.03 -20.54
N ALA B 95 -2.72 16.75 -20.70
CA ALA B 95 -3.67 16.14 -19.79
C ALA B 95 -3.36 14.67 -19.59
N VAL B 96 -3.89 14.13 -18.50
CA VAL B 96 -3.91 12.70 -18.25
C VAL B 96 -5.35 12.23 -18.44
N LEU B 97 -5.58 11.34 -19.39
CA LEU B 97 -6.92 10.79 -19.57
C LEU B 97 -7.25 9.84 -18.43
N SER B 98 -8.54 9.77 -18.11
CA SER B 98 -8.99 9.27 -16.81
C SER B 98 -8.95 7.75 -16.62
N HIS B 99 -8.75 7.39 -15.34
CA HIS B 99 -8.92 6.04 -14.81
C HIS B 99 -8.24 4.94 -15.59
N LEU B 100 -7.29 5.30 -16.45
CA LEU B 100 -6.73 4.31 -17.35
C LEU B 100 -7.85 3.62 -18.12
N GLY B 101 -8.79 4.41 -18.64
CA GLY B 101 -9.72 3.89 -19.63
C GLY B 101 -9.27 4.31 -21.04
N GLY B 102 -7.97 4.61 -21.18
CA GLY B 102 -7.40 4.99 -22.46
C GLY B 102 -8.04 6.20 -23.13
N GLY B 103 -8.02 6.25 -24.47
CA GLY B 103 -8.63 7.32 -25.22
C GLY B 103 -7.62 8.06 -26.07
N GLY B 104 -6.33 7.83 -25.81
CA GLY B 104 -5.28 8.63 -26.41
C GLY B 104 -4.88 8.37 -27.86
N LEU B 105 -5.09 7.15 -28.35
CA LEU B 105 -4.84 6.87 -29.75
C LEU B 105 -6.09 7.17 -30.58
N ALA B 106 -6.39 8.46 -30.67
CA ALA B 106 -7.55 8.95 -31.40
C ALA B 106 -7.28 10.41 -31.78
N GLU B 107 -8.12 10.98 -32.63
CA GLU B 107 -7.97 12.38 -33.01
C GLU B 107 -8.48 13.37 -31.95
N PHE B 108 -9.46 12.90 -31.18
CA PHE B 108 -10.03 13.68 -30.08
C PHE B 108 -10.19 12.82 -28.84
N ALA B 109 -10.10 13.45 -27.68
CA ALA B 109 -10.35 12.78 -26.41
C ALA B 109 -10.90 13.78 -25.39
N VAL B 110 -11.59 13.26 -24.40
CA VAL B 110 -12.06 14.10 -23.30
C VAL B 110 -11.20 13.88 -22.07
N ALA B 111 -10.86 14.99 -21.41
CA ALA B 111 -10.10 14.97 -20.18
C ALA B 111 -10.88 15.70 -19.11
N THR B 112 -10.75 15.28 -17.86
CA THR B 112 -11.34 16.04 -16.80
C THR B 112 -10.52 17.30 -16.56
N GLU B 113 -11.21 18.37 -16.19
CA GLU B 113 -10.56 19.63 -15.82
C GLU B 113 -9.48 19.45 -14.73
N LYS B 114 -9.73 18.58 -13.76
CA LYS B 114 -8.76 18.32 -12.69
C LYS B 114 -7.43 17.76 -13.18
N LEU B 115 -7.43 17.11 -14.35
CA LEU B 115 -6.22 16.45 -14.84
C LEU B 115 -5.73 17.08 -16.12
N THR B 116 -6.13 18.34 -16.32
CA THR B 116 -5.74 19.12 -17.48
C THR B 116 -4.94 20.31 -17.04
N VAL B 117 -3.83 20.55 -17.73
CA VAL B 117 -2.97 21.62 -17.34
C VAL B 117 -2.62 22.41 -18.59
N LYS B 118 -2.53 23.71 -18.42
CA LYS B 118 -2.15 24.55 -19.50
C LYS B 118 -0.77 24.28 -20.09
N ARG B 119 -0.69 24.27 -21.41
CA ARG B 119 0.60 24.14 -22.05
C ARG B 119 1.13 25.49 -22.51
N PRO B 120 2.23 25.95 -21.90
CA PRO B 120 2.84 27.22 -22.33
C PRO B 120 3.43 27.10 -23.72
N GLN B 121 3.46 28.22 -24.43
CA GLN B 121 3.92 28.32 -25.80
C GLN B 121 5.27 27.64 -26.02
N GLU B 122 6.17 27.82 -25.05
CA GLU B 122 7.55 27.34 -25.16
C GLU B 122 7.67 25.82 -25.09
N VAL B 123 6.61 25.13 -24.71
CA VAL B 123 6.68 23.67 -24.61
C VAL B 123 5.84 23.01 -25.70
N GLY B 124 6.50 22.32 -26.61
CA GLY B 124 5.82 21.70 -27.71
C GLY B 124 4.87 20.62 -27.23
N ALA B 125 4.02 20.15 -28.13
CA ALA B 125 3.01 19.16 -27.82
C ALA B 125 3.62 17.79 -27.52
N ALA B 126 4.58 17.37 -28.34
CA ALA B 126 5.20 16.07 -28.12
C ALA B 126 5.91 16.05 -26.78
N GLU B 127 6.70 17.07 -26.51
CA GLU B 127 7.50 17.07 -25.27
C GLU B 127 6.62 17.19 -24.04
N ALA B 128 5.42 17.74 -24.20
CA ALA B 128 4.54 17.80 -23.06
C ALA B 128 3.81 16.47 -22.89
N ALA B 129 3.34 15.88 -23.98
CA ALA B 129 2.55 14.64 -23.90
C ALA B 129 3.37 13.51 -23.28
N ALA B 130 4.67 13.64 -23.38
CA ALA B 130 5.59 12.64 -22.83
C ALA B 130 5.59 12.66 -21.31
N LEU B 131 5.18 13.80 -20.74
CA LEU B 131 5.39 14.03 -19.31
C LEU B 131 4.53 13.27 -18.30
N PRO B 132 3.21 13.18 -18.52
CA PRO B 132 2.36 12.90 -17.33
C PRO B 132 2.68 11.60 -16.58
N VAL B 133 2.43 10.44 -17.15
CA VAL B 133 2.62 9.22 -16.37
C VAL B 133 4.09 9.04 -16.02
N ALA B 134 4.99 9.09 -17.00
CA ALA B 134 6.40 8.79 -16.75
C ALA B 134 7.03 9.83 -15.80
N GLY B 135 6.83 11.10 -16.11
CA GLY B 135 7.38 12.17 -15.29
C GLY B 135 6.79 12.26 -13.89
N LEU B 136 5.46 12.17 -13.75
CA LEU B 136 4.84 12.25 -12.43
C LEU B 136 5.19 11.03 -11.58
N THR B 137 5.38 9.90 -12.24
CA THR B 137 5.81 8.71 -11.54
C THR B 137 7.19 8.96 -10.94
N ALA B 138 8.11 9.45 -11.78
CA ALA B 138 9.45 9.77 -11.32
C ALA B 138 9.39 10.77 -10.19
N LEU B 139 8.59 11.82 -10.41
CA LEU B 139 8.46 12.91 -9.44
C LEU B 139 7.95 12.39 -8.11
N GLN B 140 6.92 11.53 -8.17
CA GLN B 140 6.39 10.98 -6.94
C GLN B 140 7.40 10.03 -6.24
N ALA B 141 8.09 9.17 -6.99
CA ALA B 141 9.09 8.28 -6.37
C ALA B 141 10.10 9.07 -5.54
N LEU B 142 10.64 10.14 -6.11
CA LEU B 142 11.72 10.86 -5.46
C LEU B 142 11.28 11.82 -4.35
N THR B 143 10.05 12.33 -4.43
CA THR B 143 9.67 13.33 -3.44
C THR B 143 8.89 12.72 -2.28
N ASN B 144 8.27 11.57 -2.49
CA ASN B 144 7.57 10.95 -1.36
C ASN B 144 8.43 9.85 -0.72
N PRO B 145 8.52 8.62 -1.29
CA PRO B 145 9.30 7.68 -0.46
C PRO B 145 10.80 8.01 -0.36
N ALA B 146 11.41 8.61 -1.40
CA ALA B 146 12.81 8.98 -1.31
C ALA B 146 12.98 10.24 -0.48
N GLY B 147 11.91 11.02 -0.31
CA GLY B 147 11.94 12.22 0.51
C GLY B 147 12.94 13.32 0.11
N LEU B 148 13.23 13.42 -1.17
CA LEU B 148 14.14 14.45 -1.65
C LEU B 148 13.46 15.79 -1.87
N LYS B 149 14.22 16.87 -1.75
CA LYS B 149 13.68 18.21 -2.10
C LYS B 149 14.33 18.77 -3.35
N LEU B 150 13.50 19.32 -4.23
CA LEU B 150 13.96 19.73 -5.54
C LEU B 150 14.67 21.10 -5.57
N ASP B 151 14.87 21.72 -4.41
CA ASP B 151 15.66 22.94 -4.33
C ASP B 151 17.16 22.64 -4.12
N GLY B 152 17.50 21.37 -3.94
CA GLY B 152 18.90 20.98 -3.83
C GLY B 152 19.56 21.24 -2.48
N THR B 153 18.88 21.93 -1.57
CA THR B 153 19.53 22.27 -0.30
C THR B 153 19.45 21.13 0.69
N GLY B 154 18.65 20.10 0.37
CA GLY B 154 18.56 18.93 1.21
C GLY B 154 19.91 18.26 1.35
N LYS B 155 20.10 17.47 2.38
CA LYS B 155 21.34 16.71 2.48
C LYS B 155 21.33 15.65 1.37
N LYS B 156 22.52 15.16 1.01
CA LYS B 156 22.68 14.42 -0.24
C LYS B 156 22.40 12.92 -0.10
N ALA B 157 21.46 12.44 -0.90
CA ALA B 157 21.15 11.02 -0.96
C ALA B 157 21.97 10.34 -2.04
N ASN B 158 22.15 9.03 -1.88
CA ASN B 158 22.59 8.17 -2.97
C ASN B 158 21.38 7.47 -3.59
N ILE B 159 21.12 7.78 -4.84
CA ILE B 159 20.00 7.27 -5.58
C ILE B 159 20.45 6.31 -6.67
N LEU B 160 19.72 5.22 -6.84
CA LEU B 160 19.95 4.29 -7.94
C LEU B 160 18.74 4.28 -8.86
N VAL B 161 18.98 4.43 -10.16
CA VAL B 161 17.92 4.34 -11.14
C VAL B 161 18.21 3.18 -12.09
N THR B 162 17.37 2.14 -12.05
CA THR B 162 17.53 1.00 -12.93
C THR B 162 16.71 1.23 -14.20
N ALA B 163 17.24 0.77 -15.34
CA ALA B 163 16.62 1.01 -16.66
C ALA B 163 16.45 2.51 -16.83
N ALA B 164 17.55 3.23 -16.69
CA ALA B 164 17.53 4.67 -16.63
C ALA B 164 17.35 5.33 -17.98
N SER B 165 17.45 4.58 -19.07
CA SER B 165 17.28 5.19 -20.38
C SER B 165 15.82 5.16 -20.87
N GLY B 166 14.95 4.53 -20.07
CA GLY B 166 13.54 4.39 -20.40
C GLY B 166 12.75 5.64 -20.04
N GLY B 167 11.43 5.58 -20.16
CA GLY B 167 10.59 6.75 -19.94
C GLY B 167 10.74 7.30 -18.53
N VAL B 168 10.36 6.52 -17.54
CA VAL B 168 10.44 6.94 -16.15
C VAL B 168 11.89 7.16 -15.73
N GLY B 169 12.74 6.21 -16.08
CA GLY B 169 14.14 6.26 -15.74
C GLY B 169 14.82 7.55 -16.16
N HIS B 170 14.55 8.02 -17.37
CA HIS B 170 15.28 9.19 -17.87
C HIS B 170 14.78 10.48 -17.18
N TYR B 171 13.52 10.52 -16.77
CA TYR B 171 13.06 11.66 -15.96
C TYR B 171 13.64 11.58 -14.53
N ALA B 172 13.62 10.38 -13.94
CA ALA B 172 14.14 10.15 -12.61
C ALA B 172 15.58 10.58 -12.45
N VAL B 173 16.42 10.27 -13.43
CA VAL B 173 17.83 10.66 -13.35
C VAL B 173 17.96 12.17 -13.29
N GLN B 174 17.25 12.87 -14.18
CA GLN B 174 17.26 14.34 -14.20
C GLN B 174 16.65 14.94 -12.95
N LEU B 175 15.54 14.36 -12.49
CA LEU B 175 14.89 14.92 -11.30
C LEU B 175 15.79 14.75 -10.08
N ALA B 176 16.41 13.58 -9.96
CA ALA B 176 17.33 13.32 -8.85
C ALA B 176 18.52 14.28 -8.83
N LYS B 177 19.03 14.68 -10.00
CA LYS B 177 20.14 15.65 -10.01
C LYS B 177 19.67 17.04 -9.59
N LEU B 178 18.41 17.37 -9.86
CA LEU B 178 17.88 18.63 -9.34
C LEU B 178 17.83 18.63 -7.83
N ALA B 179 17.65 17.45 -7.24
CA ALA B 179 17.58 17.33 -5.78
C ALA B 179 18.97 17.17 -5.18
N ASN B 180 19.99 17.31 -6.03
CA ASN B 180 21.38 17.24 -5.61
C ASN B 180 21.83 15.84 -5.09
N ALA B 181 21.10 14.80 -5.47
CA ALA B 181 21.50 13.44 -5.14
C ALA B 181 22.68 13.01 -5.97
N HIS B 182 23.44 12.06 -5.45
CA HIS B 182 24.38 11.30 -6.23
C HIS B 182 23.62 10.19 -6.95
N VAL B 183 23.78 10.11 -8.27
CA VAL B 183 22.95 9.18 -9.04
C VAL B 183 23.77 8.09 -9.71
N THR B 184 23.42 6.85 -9.37
CA THR B 184 23.93 5.67 -10.06
C THR B 184 22.83 5.12 -10.97
N ALA B 185 23.20 4.73 -12.19
CA ALA B 185 22.19 4.28 -13.16
C ALA B 185 22.61 3.00 -13.87
N THR B 186 21.64 2.14 -14.20
CA THR B 186 21.94 0.98 -15.05
C THR B 186 21.23 1.12 -16.37
N CYS B 187 21.87 0.61 -17.42
CA CYS B 187 21.28 0.56 -18.75
C CYS B 187 22.12 -0.36 -19.59
N GLY B 188 21.81 -0.43 -20.87
CA GLY B 188 22.54 -1.28 -21.80
C GLY B 188 23.73 -0.52 -22.35
N ALA B 189 24.70 -1.25 -22.88
CA ALA B 189 25.90 -0.65 -23.42
C ALA B 189 25.60 0.49 -24.37
N ARG B 190 24.61 0.30 -25.23
CA ARG B 190 24.23 1.31 -26.23
C ARG B 190 23.86 2.65 -25.64
N ASN B 191 23.34 2.66 -24.42
CA ASN B 191 22.77 3.89 -23.87
C ASN B 191 23.58 4.55 -22.75
N ILE B 192 24.77 4.02 -22.48
CA ILE B 192 25.61 4.54 -21.41
C ILE B 192 25.92 6.04 -21.57
N GLU B 193 26.38 6.43 -22.76
CA GLU B 193 26.68 7.83 -23.02
C GLU B 193 25.45 8.72 -22.86
N PHE B 194 24.31 8.21 -23.31
CA PHE B 194 23.07 8.96 -23.19
C PHE B 194 22.68 9.17 -21.74
N VAL B 195 22.83 8.14 -20.91
CA VAL B 195 22.43 8.25 -19.52
C VAL B 195 23.37 9.20 -18.80
N LYS B 196 24.67 9.08 -19.11
CA LYS B 196 25.66 10.01 -18.60
C LYS B 196 25.26 11.43 -18.92
N SER B 197 24.75 11.64 -20.13
CA SER B 197 24.40 12.99 -20.56
C SER B 197 23.21 13.52 -19.79
N LEU B 198 22.41 12.62 -19.22
CA LEU B 198 21.28 13.02 -18.38
C LEU B 198 21.75 13.51 -17.02
N GLY B 199 23.03 13.30 -16.74
CA GLY B 199 23.63 13.77 -15.51
C GLY B 199 23.98 12.70 -14.49
N ALA B 200 23.74 11.43 -14.80
CA ALA B 200 24.05 10.35 -13.86
C ALA B 200 25.54 10.35 -13.50
N ASP B 201 25.87 10.13 -12.23
CA ASP B 201 27.28 10.19 -11.82
C ASP B 201 27.99 8.90 -12.18
N GLU B 202 27.29 7.78 -12.09
CA GLU B 202 27.89 6.48 -12.38
C GLU B 202 26.95 5.71 -13.29
N VAL B 203 27.48 5.09 -14.33
CA VAL B 203 26.60 4.28 -15.18
C VAL B 203 27.08 2.85 -15.29
N LEU B 204 26.22 1.90 -14.91
CA LEU B 204 26.55 0.48 -15.03
C LEU B 204 25.83 -0.20 -16.21
N ASP B 205 26.58 -0.97 -16.98
CA ASP B 205 26.04 -1.88 -17.99
C ASP B 205 25.46 -3.10 -17.28
N TYR B 206 24.16 -3.30 -17.38
CA TYR B 206 23.49 -4.34 -16.61
C TYR B 206 23.80 -5.74 -17.15
N LYS B 207 24.57 -5.82 -18.24
CA LYS B 207 25.04 -7.10 -18.77
C LYS B 207 26.34 -7.56 -18.14
N THR B 208 26.99 -6.68 -17.41
CA THR B 208 28.26 -7.02 -16.74
C THR B 208 27.98 -7.45 -15.32
N PRO B 209 28.84 -8.31 -14.75
CA PRO B 209 28.65 -8.82 -13.40
C PRO B 209 28.40 -7.72 -12.38
N GLU B 210 29.13 -6.61 -12.51
CA GLU B 210 28.93 -5.46 -11.63
C GLU B 210 27.54 -4.85 -11.82
N GLY B 211 27.12 -4.76 -13.07
CA GLY B 211 25.81 -4.22 -13.40
C GLY B 211 24.68 -5.08 -12.88
N ALA B 212 24.82 -6.38 -13.10
CA ALA B 212 23.86 -7.34 -12.58
C ALA B 212 23.81 -7.25 -11.07
N ALA B 213 24.96 -7.03 -10.45
CA ALA B 213 25.04 -6.93 -8.99
C ALA B 213 24.59 -5.57 -8.45
N LEU B 214 24.43 -4.59 -9.36
CA LEU B 214 24.05 -3.23 -8.98
C LEU B 214 25.09 -2.59 -8.07
N LYS B 215 26.34 -3.00 -8.27
CA LYS B 215 27.45 -2.56 -7.44
C LYS B 215 27.95 -1.17 -7.83
N SER B 216 27.76 -0.19 -6.96
CA SER B 216 28.35 1.12 -7.19
C SER B 216 29.86 1.03 -7.28
N PRO B 217 30.45 1.61 -8.34
CA PRO B 217 31.91 1.65 -8.52
C PRO B 217 32.60 2.37 -7.38
N SER B 218 32.01 3.43 -6.85
CA SER B 218 32.65 4.14 -5.76
C SER B 218 32.17 3.62 -4.42
N GLY B 219 31.53 2.46 -4.42
CA GLY B 219 31.12 1.83 -3.16
C GLY B 219 30.01 2.53 -2.38
N LYS B 220 29.17 3.30 -3.07
CA LYS B 220 27.99 3.93 -2.47
C LYS B 220 26.94 2.87 -2.07
N LYS B 221 26.27 3.10 -0.94
CA LYS B 221 25.04 2.39 -0.64
C LYS B 221 23.89 3.29 -0.99
N TYR B 222 22.83 2.74 -1.57
CA TYR B 222 21.72 3.56 -2.04
C TYR B 222 20.69 3.75 -0.94
N ASP B 223 20.29 4.99 -0.73
CA ASP B 223 19.24 5.32 0.20
C ASP B 223 17.87 5.02 -0.43
N ALA B 224 17.80 5.11 -1.75
CA ALA B 224 16.57 4.80 -2.44
C ALA B 224 16.91 4.36 -3.87
N VAL B 225 16.07 3.48 -4.42
CA VAL B 225 16.19 2.97 -5.77
C VAL B 225 14.91 3.24 -6.51
N VAL B 226 14.99 3.95 -7.63
CA VAL B 226 13.84 4.05 -8.52
C VAL B 226 13.94 2.88 -9.46
N HIS B 227 13.19 1.82 -9.16
CA HIS B 227 13.38 0.57 -9.86
C HIS B 227 12.43 0.45 -11.05
N CYS B 228 12.89 0.88 -12.24
CA CYS B 228 12.05 0.80 -13.45
C CYS B 228 12.26 -0.49 -14.24
N ALA B 229 13.27 -1.27 -13.87
CA ALA B 229 13.57 -2.50 -14.59
C ALA B 229 12.77 -3.67 -14.00
N ASN B 230 12.94 -4.85 -14.59
CA ASN B 230 12.26 -6.06 -14.14
C ASN B 230 13.19 -7.21 -13.82
N GLY B 231 12.67 -8.17 -13.07
CA GLY B 231 13.36 -9.43 -12.86
C GLY B 231 14.55 -9.35 -11.93
N ILE B 232 14.45 -8.50 -10.90
CA ILE B 232 15.49 -8.43 -9.89
C ILE B 232 14.95 -8.67 -8.50
N PRO B 233 15.30 -9.83 -7.91
CA PRO B 233 14.84 -10.13 -6.54
C PRO B 233 15.38 -9.11 -5.54
N PHE B 234 14.67 -8.97 -4.42
CA PHE B 234 15.07 -8.03 -3.38
C PHE B 234 16.46 -8.35 -2.86
N SER B 235 16.79 -9.65 -2.84
CA SER B 235 18.09 -10.12 -2.36
C SER B 235 19.26 -9.46 -3.11
N VAL B 236 19.06 -9.17 -4.39
CA VAL B 236 20.10 -8.48 -5.17
C VAL B 236 20.29 -7.01 -4.73
N PHE B 237 19.19 -6.32 -4.47
CA PHE B 237 19.27 -4.94 -3.97
C PHE B 237 19.86 -4.86 -2.57
N GLU B 238 19.43 -5.77 -1.70
CA GLU B 238 19.63 -5.68 -0.26
C GLU B 238 21.05 -5.28 0.16
N PRO B 239 22.10 -6.01 -0.30
CA PRO B 239 23.40 -5.59 0.20
C PRO B 239 23.91 -4.25 -0.37
N ASN B 240 23.23 -3.71 -1.38
CA ASN B 240 23.60 -2.41 -1.92
C ASN B 240 22.86 -1.25 -1.26
N LEU B 241 21.91 -1.57 -0.37
CA LEU B 241 21.09 -0.55 0.27
C LEU B 241 21.74 -0.02 1.54
N SER B 242 21.51 1.24 1.86
CA SER B 242 21.91 1.77 3.15
C SER B 242 21.01 1.15 4.24
N GLU B 243 21.32 1.44 5.50
CA GLU B 243 20.64 0.83 6.65
C GLU B 243 19.12 0.80 6.51
N ASN B 244 18.53 1.93 6.12
CA ASN B 244 17.08 2.01 5.97
C ASN B 244 16.68 2.26 4.53
N GLY B 245 17.47 1.76 3.60
CA GLY B 245 17.24 1.98 2.19
C GLY B 245 15.91 1.41 1.71
N LYS B 246 15.41 1.97 0.62
CA LYS B 246 14.13 1.59 0.02
C LYS B 246 14.25 1.27 -1.45
N VAL B 247 13.60 0.20 -1.87
CA VAL B 247 13.45 -0.10 -3.26
C VAL B 247 12.09 0.35 -3.70
N ILE B 248 12.02 1.36 -4.56
CA ILE B 248 10.75 1.86 -5.03
C ILE B 248 10.37 1.19 -6.34
N ASP B 249 9.42 0.27 -6.26
CA ASP B 249 9.11 -0.58 -7.42
C ASP B 249 8.13 0.15 -8.33
N ILE B 250 8.58 0.46 -9.54
CA ILE B 250 7.75 1.10 -10.56
C ILE B 250 6.87 0.09 -11.28
N THR B 251 5.60 0.43 -11.46
CA THR B 251 4.61 -0.48 -12.05
C THR B 251 4.60 -1.86 -11.36
N PRO B 252 4.18 -1.89 -10.08
CA PRO B 252 4.19 -3.15 -9.35
C PRO B 252 3.05 -4.07 -9.80
N GLY B 253 3.26 -5.38 -9.69
CA GLY B 253 2.22 -6.34 -9.96
C GLY B 253 1.66 -6.89 -8.65
N PRO B 254 0.82 -7.93 -8.76
CA PRO B 254 0.28 -8.62 -7.57
C PRO B 254 1.37 -9.07 -6.61
N ASN B 255 2.48 -9.59 -7.13
CA ASN B 255 3.51 -10.15 -6.26
C ASN B 255 4.23 -9.06 -5.50
N ALA B 256 4.53 -7.95 -6.17
CA ALA B 256 5.18 -6.86 -5.51
C ALA B 256 4.31 -6.33 -4.37
N MET B 257 3.01 -6.20 -4.64
CA MET B 257 2.10 -5.68 -3.64
C MET B 257 2.05 -6.57 -2.40
N TRP B 258 2.16 -7.88 -2.57
CA TRP B 258 2.08 -8.77 -1.42
C TRP B 258 3.43 -8.80 -0.71
N THR B 259 4.53 -8.83 -1.46
CA THR B 259 5.86 -8.78 -0.87
C THR B 259 6.03 -7.52 0.00
N TYR B 260 5.53 -6.41 -0.51
CA TYR B 260 5.43 -5.17 0.25
C TYR B 260 4.70 -5.35 1.58
N ALA B 261 3.53 -5.97 1.55
CA ALA B 261 2.75 -6.18 2.76
C ALA B 261 3.55 -6.94 3.81
N VAL B 262 4.21 -8.01 3.41
CA VAL B 262 4.75 -8.88 4.44
C VAL B 262 6.03 -8.24 4.99
N LYS B 263 6.81 -7.58 4.15
CA LYS B 263 8.00 -6.88 4.62
C LYS B 263 7.65 -5.79 5.63
N LYS B 264 6.66 -4.96 5.29
CA LYS B 264 6.16 -3.95 6.21
C LYS B 264 5.67 -4.63 7.49
N ILE B 265 4.93 -5.72 7.33
CA ILE B 265 4.44 -6.49 8.46
C ILE B 265 5.56 -6.96 9.38
N THR B 266 6.59 -7.58 8.80
CA THR B 266 7.72 -8.10 9.59
C THR B 266 8.71 -7.02 10.02
N MET B 267 8.47 -5.80 9.58
CA MET B 267 9.22 -4.63 10.02
C MET B 267 10.69 -4.69 9.59
N SER B 268 10.96 -5.06 8.34
CA SER B 268 12.36 -4.98 7.90
C SER B 268 12.76 -3.53 7.74
N LYS B 269 14.00 -3.19 8.10
CA LYS B 269 14.50 -1.82 7.98
C LYS B 269 14.70 -1.41 6.51
N LYS B 270 15.24 -2.33 5.70
CA LYS B 270 15.25 -2.13 4.26
C LYS B 270 13.89 -2.51 3.67
N GLN B 271 13.31 -1.58 2.92
CA GLN B 271 11.90 -1.65 2.58
C GLN B 271 11.66 -1.77 1.06
N LEU B 272 10.61 -2.48 0.66
CA LEU B 272 10.19 -2.45 -0.73
C LEU B 272 8.93 -1.59 -0.81
N VAL B 273 8.97 -0.52 -1.58
CA VAL B 273 7.84 0.39 -1.73
C VAL B 273 7.26 0.39 -3.14
N PRO B 274 6.02 -0.08 -3.27
CA PRO B 274 5.41 0.04 -4.60
C PRO B 274 4.99 1.47 -4.83
N LEU B 275 5.17 1.96 -6.04
CA LEU B 275 4.71 3.29 -6.37
CA LEU B 275 4.70 3.29 -6.40
C LEU B 275 3.37 3.24 -7.09
N LEU B 276 2.33 3.69 -6.41
CA LEU B 276 1.00 3.80 -7.01
C LEU B 276 0.77 5.24 -7.34
N LEU B 277 0.77 5.54 -8.63
CA LEU B 277 0.78 6.94 -9.04
C LEU B 277 -0.55 7.60 -8.72
N ILE B 278 -0.46 8.74 -8.05
CA ILE B 278 -1.60 9.65 -7.91
C ILE B 278 -1.33 10.93 -8.70
N PRO B 279 -1.81 10.99 -9.96
CA PRO B 279 -1.59 12.21 -10.74
C PRO B 279 -2.38 13.39 -10.20
N LYS B 280 -1.72 14.54 -10.15
CA LYS B 280 -2.32 15.79 -9.67
C LYS B 280 -1.93 16.93 -10.59
N ALA B 281 -2.87 17.83 -10.85
CA ALA B 281 -2.64 19.00 -11.70
C ALA B 281 -1.43 19.83 -11.26
N GLU B 282 -1.30 20.08 -9.96
CA GLU B 282 -0.22 20.92 -9.45
CA GLU B 282 -0.20 20.91 -9.45
C GLU B 282 1.16 20.31 -9.75
N ASN B 283 1.25 18.98 -9.68
CA ASN B 283 2.51 18.28 -9.97
C ASN B 283 2.82 18.30 -11.47
N LEU B 284 1.79 18.20 -12.31
CA LEU B 284 1.99 18.24 -13.76
C LEU B 284 2.44 19.62 -14.22
N GLU B 285 1.76 20.66 -13.70
CA GLU B 285 2.16 22.06 -13.83
C GLU B 285 3.63 22.28 -13.50
N PHE B 286 4.02 21.72 -12.36
CA PHE B 286 5.36 21.83 -11.85
C PHE B 286 6.35 21.23 -12.84
N MET B 287 6.02 20.05 -13.36
CA MET B 287 6.85 19.38 -14.34
C MET B 287 6.89 20.14 -15.66
N VAL B 288 5.73 20.60 -16.11
CA VAL B 288 5.64 21.36 -17.33
C VAL B 288 6.51 22.60 -17.20
N ASN B 289 6.53 23.20 -16.02
CA ASN B 289 7.35 24.41 -15.85
C ASN B 289 8.83 24.10 -15.88
N LEU B 290 9.23 22.98 -15.26
CA LEU B 290 10.63 22.52 -15.34
C LEU B 290 11.09 22.34 -16.77
N VAL B 291 10.22 21.73 -17.56
CA VAL B 291 10.53 21.58 -18.99
C VAL B 291 10.60 22.94 -19.68
N LYS B 292 9.73 23.88 -19.30
CA LYS B 292 9.77 25.21 -19.91
C LYS B 292 11.07 25.91 -19.56
N GLU B 293 11.59 25.63 -18.37
CA GLU B 293 12.82 26.28 -17.90
CA GLU B 293 12.81 26.26 -17.88
C GLU B 293 14.06 25.52 -18.36
N GLY B 294 13.85 24.41 -19.06
CA GLY B 294 14.97 23.60 -19.51
C GLY B 294 15.72 22.87 -18.41
N LYS B 295 15.17 22.86 -17.19
CA LYS B 295 15.79 22.11 -16.09
C LYS B 295 15.53 20.62 -16.23
N VAL B 296 14.40 20.26 -16.84
CA VAL B 296 14.20 18.87 -17.23
C VAL B 296 13.98 18.77 -18.73
N LYS B 297 14.68 17.85 -19.38
CA LYS B 297 14.48 17.65 -20.83
C LYS B 297 13.66 16.41 -21.08
N THR B 298 12.71 16.56 -22.00
CA THR B 298 12.00 15.42 -22.48
C THR B 298 12.75 14.81 -23.66
N VAL B 299 13.09 13.53 -23.56
CA VAL B 299 13.74 12.91 -24.69
C VAL B 299 12.72 12.05 -25.41
N ILE B 300 12.57 12.30 -26.70
CA ILE B 300 11.67 11.54 -27.53
C ILE B 300 12.40 10.45 -28.33
N ASP B 301 11.95 9.22 -28.10
CA ASP B 301 12.53 8.08 -28.77
C ASP B 301 12.23 8.07 -30.28
N SER B 302 10.99 8.33 -30.60
CA SER B 302 10.54 8.24 -31.99
C SER B 302 9.15 8.83 -32.08
N LYS B 303 8.79 9.31 -33.26
CA LYS B 303 7.44 9.78 -33.49
C LYS B 303 6.78 8.95 -34.61
N HIS B 304 5.50 8.67 -34.45
CA HIS B 304 4.75 7.92 -35.45
C HIS B 304 3.37 8.58 -35.65
N PRO B 305 2.88 8.61 -36.88
CA PRO B 305 1.52 9.12 -37.15
C PRO B 305 0.47 8.15 -36.61
N LEU B 306 -0.71 8.65 -36.27
CA LEU B 306 -1.79 7.77 -35.78
C LEU B 306 -2.08 6.66 -36.78
N SER B 307 -2.03 6.97 -38.08
CA SER B 307 -2.26 5.99 -39.15
C SER B 307 -1.30 4.77 -39.08
N LYS B 308 -0.16 4.93 -38.41
CA LYS B 308 0.75 3.79 -38.24
C LYS B 308 1.09 3.53 -36.77
N ALA B 309 0.19 3.89 -35.87
CA ALA B 309 0.47 3.81 -34.44
C ALA B 309 0.82 2.37 -33.97
N GLU B 310 0.47 1.36 -34.76
CA GLU B 310 0.83 0.00 -34.37
C GLU B 310 2.35 -0.15 -34.32
N ASP B 311 3.07 0.61 -35.17
CA ASP B 311 4.52 0.66 -35.09
C ASP B 311 4.99 1.15 -33.72
N ALA B 312 4.38 2.22 -33.23
CA ALA B 312 4.76 2.78 -31.93
C ALA B 312 4.49 1.75 -30.83
N TRP B 313 3.37 1.08 -30.97
CA TRP B 313 2.90 0.10 -29.98
C TRP B 313 3.90 -1.04 -29.91
N ALA B 314 4.33 -1.51 -31.08
CA ALA B 314 5.34 -2.55 -31.19
C ALA B 314 6.64 -2.09 -30.57
N LYS B 315 7.00 -0.84 -30.81
CA LYS B 315 8.22 -0.30 -30.24
C LYS B 315 8.09 -0.32 -28.71
N SER B 316 6.90 -0.03 -28.21
CA SER B 316 6.71 0.00 -26.76
C SER B 316 6.88 -1.43 -26.19
N ILE B 317 6.16 -2.37 -26.78
CA ILE B 317 6.18 -3.76 -26.33
C ILE B 317 7.59 -4.32 -26.30
N ASP B 318 8.41 -3.92 -27.28
CA ASP B 318 9.76 -4.46 -27.42
C ASP B 318 10.72 -3.97 -26.30
N GLY B 319 10.43 -2.81 -25.72
CA GLY B 319 11.11 -2.41 -24.51
C GLY B 319 12.40 -1.62 -24.59
N HIS B 320 12.87 -1.28 -25.78
CA HIS B 320 14.19 -0.65 -25.90
C HIS B 320 14.16 0.85 -26.22
N ALA B 321 13.02 1.49 -25.97
CA ALA B 321 12.89 2.93 -26.20
C ALA B 321 13.92 3.70 -25.35
N THR B 322 14.49 4.75 -25.94
CA THR B 322 15.25 5.74 -25.19
C THR B 322 14.38 6.95 -24.97
N GLY B 323 13.97 7.18 -23.73
CA GLY B 323 12.99 8.23 -23.47
C GLY B 323 11.59 7.77 -23.84
N LYS B 324 10.85 8.60 -24.57
CA LYS B 324 9.41 8.42 -24.69
C LYS B 324 8.98 8.28 -26.14
N ILE B 325 8.05 7.35 -26.36
CA ILE B 325 7.47 7.11 -27.69
C ILE B 325 6.22 7.93 -27.96
N ILE B 326 6.17 8.57 -29.13
CA ILE B 326 5.12 9.53 -29.42
C ILE B 326 4.29 9.16 -30.65
N VAL B 327 2.97 9.25 -30.51
CA VAL B 327 2.05 9.11 -31.63
C VAL B 327 1.44 10.49 -31.91
N GLU B 328 1.35 10.84 -33.19
CA GLU B 328 0.84 12.14 -33.64
C GLU B 328 -0.32 11.96 -34.61
N PRO B 329 -1.55 12.34 -34.22
CA PRO B 329 -1.94 12.79 -32.87
C PRO B 329 -2.00 11.63 -31.86
#